data_5J16
#
_entry.id   5J16
#
_cell.length_a   54.942
_cell.length_b   78.762
_cell.length_c   80.052
_cell.angle_alpha   105.460
_cell.angle_beta   102.280
_cell.angle_gamma   109.470
#
_symmetry.space_group_name_H-M   'P 1'
#
loop_
_entity.id
_entity.type
_entity.pdbx_description
1 polymer 'Inositol monophosphatase family protein'
2 non-polymer 'CALCIUM ION'
3 non-polymer D-MYO-INOSITOL-1-PHOSPHATE
4 non-polymer 'PHOSPHATE ION'
5 water water
#
_entity_poly.entity_id   1
_entity_poly.type   'polypeptide(L)'
_entity_poly.pdbx_seq_one_letter_code
;HHHHHHGSMALYGFAQGLIQEAGIRIKQLMEQNLTIETKSNPNDLVTNVDKATEDFIFDTILETYPNHQVLGEEGHGHDI
DTSKGTVWVVDPIDGTLNFVHQQENFAISIGIYIDGKPYAGFVYDVMADVLYHAKVGEGAYRGSQPLKPLNDSNLRQSII
GINPNWLTKPILGEIFKEIVNDSRSARAYGSAALEIVSVATGNLEAYMTPRLQPWDFAGGLVILYEVNGQASNLLGEPLT
ISGPNSILVGNRGLHQEISNDYLEPHHDALIQLHEQRFKRKSK
;
_entity_poly.pdbx_strand_id   A,B,C,D
#
loop_
_chem_comp.id
_chem_comp.type
_chem_comp.name
_chem_comp.formula
CA non-polymer 'CALCIUM ION' 'Ca 2'
IPD non-polymer D-MYO-INOSITOL-1-PHOSPHATE 'C6 H11 O9 P -2'
PO4 non-polymer 'PHOSPHATE ION' 'O4 P -3'
#
# COMPACT_ATOMS: atom_id res chain seq x y z
N MET A 9 11.05 4.31 -11.22
CA MET A 9 12.35 3.74 -10.72
C MET A 9 12.13 2.87 -9.47
N ALA A 10 11.32 3.37 -8.54
CA ALA A 10 10.94 2.58 -7.37
C ALA A 10 10.13 1.36 -7.81
N LEU A 11 9.27 1.56 -8.80
CA LEU A 11 8.47 0.51 -9.40
C LEU A 11 9.36 -0.49 -10.13
N TYR A 12 10.26 0.01 -10.98
CA TYR A 12 11.19 -0.89 -11.63
C TYR A 12 11.94 -1.68 -10.58
N GLY A 13 12.48 -0.99 -9.57
CA GLY A 13 13.37 -1.59 -8.59
C GLY A 13 12.62 -2.62 -7.76
N PHE A 14 11.41 -2.27 -7.39
CA PHE A 14 10.50 -3.16 -6.67
C PHE A 14 10.19 -4.38 -7.52
N ALA A 15 9.98 -4.17 -8.82
CA ALA A 15 9.63 -5.29 -9.73
C ALA A 15 10.81 -6.24 -9.97
N GLN A 16 12.01 -5.66 -10.06
CA GLN A 16 13.21 -6.43 -10.25
C GLN A 16 13.53 -7.32 -9.05
N GLY A 17 13.32 -6.84 -7.82
CA GLY A 17 13.51 -7.67 -6.62
C GLY A 17 12.39 -8.69 -6.35
N LEU A 18 11.18 -8.34 -6.77
CA LEU A 18 10.09 -9.29 -6.73
C LEU A 18 10.41 -10.52 -7.61
N ILE A 19 10.86 -10.30 -8.85
CA ILE A 19 11.00 -11.44 -9.78
C ILE A 19 12.17 -12.32 -9.33
N GLN A 20 13.21 -11.67 -8.82
CA GLN A 20 14.32 -12.37 -8.19
C GLN A 20 13.84 -13.13 -6.95
N GLU A 21 13.08 -12.52 -6.06
CA GLU A 21 12.60 -13.25 -4.86
C GLU A 21 11.79 -14.46 -5.32
N ALA A 22 11.00 -14.30 -6.40
CA ALA A 22 10.10 -15.38 -6.87
C ALA A 22 10.90 -16.56 -7.42
N GLY A 23 12.05 -16.26 -8.02
CA GLY A 23 12.96 -17.30 -8.42
C GLY A 23 13.58 -18.10 -7.28
N ILE A 24 13.93 -17.42 -6.18
CA ILE A 24 14.48 -18.09 -4.99
C ILE A 24 13.49 -19.10 -4.45
N ARG A 25 12.22 -18.70 -4.34
CA ARG A 25 11.17 -19.57 -3.87
C ARG A 25 10.93 -20.74 -4.80
N ILE A 26 11.14 -20.55 -6.11
CA ILE A 26 10.98 -21.65 -7.06
C ILE A 26 12.05 -22.72 -6.84
N LYS A 27 13.28 -22.31 -6.60
CA LYS A 27 14.35 -23.27 -6.35
C LYS A 27 14.18 -23.97 -4.99
N GLN A 28 13.55 -23.28 -4.02
CA GLN A 28 13.26 -23.84 -2.70
C GLN A 28 12.33 -25.02 -2.91
N LEU A 29 11.21 -24.76 -3.58
CA LEU A 29 10.22 -25.81 -3.86
C LEU A 29 10.72 -27.00 -4.75
N MET A 30 11.90 -26.86 -5.38
CA MET A 30 12.56 -27.88 -6.22
C MET A 30 13.62 -28.70 -5.48
N GLU A 31 14.59 -28.02 -4.84
CA GLU A 31 15.64 -28.63 -3.98
C GLU A 31 14.98 -29.50 -2.92
N GLN A 32 13.99 -28.92 -2.27
CA GLN A 32 13.01 -29.68 -1.54
C GLN A 32 12.21 -30.47 -2.58
N ASN A 33 12.09 -31.79 -2.43
CA ASN A 33 11.29 -32.68 -3.31
C ASN A 33 12.06 -33.19 -4.53
N THR A 47 2.68 -27.46 -10.86
CA THR A 47 1.28 -26.98 -10.97
C THR A 47 0.85 -26.30 -9.69
N ASN A 48 1.09 -26.96 -8.55
CA ASN A 48 0.97 -26.29 -7.25
C ASN A 48 2.08 -25.23 -7.19
N VAL A 49 3.24 -25.56 -7.75
CA VAL A 49 4.35 -24.63 -7.86
C VAL A 49 4.03 -23.38 -8.74
N ASP A 50 3.29 -23.51 -9.84
CA ASP A 50 2.85 -22.33 -10.60
C ASP A 50 1.92 -21.47 -9.74
N LYS A 51 0.98 -22.14 -9.08
CA LYS A 51 0.03 -21.51 -8.15
C LYS A 51 0.74 -20.81 -6.98
N ALA A 52 1.71 -21.49 -6.37
CA ALA A 52 2.45 -20.94 -5.25
C ALA A 52 3.13 -19.66 -5.66
N THR A 53 4.04 -19.75 -6.64
CA THR A 53 4.73 -18.59 -7.24
C THR A 53 3.79 -17.48 -7.73
N GLU A 54 2.70 -17.81 -8.38
CA GLU A 54 1.75 -16.75 -8.83
C GLU A 54 1.16 -16.00 -7.64
N ASP A 55 0.71 -16.74 -6.62
CA ASP A 55 0.15 -16.16 -5.39
C ASP A 55 1.16 -15.30 -4.66
N PHE A 56 2.39 -15.78 -4.54
CA PHE A 56 3.45 -14.95 -4.01
C PHE A 56 3.54 -13.60 -4.72
N ILE A 57 3.61 -13.60 -6.06
CA ILE A 57 3.79 -12.38 -6.87
C ILE A 57 2.58 -11.46 -6.78
N PHE A 58 1.38 -12.02 -6.95
CA PHE A 58 0.10 -11.28 -6.76
C PHE A 58 0.05 -10.66 -5.36
N ASP A 59 0.17 -11.48 -4.33
CA ASP A 59 0.14 -10.99 -2.95
C ASP A 59 1.24 -9.96 -2.70
N THR A 60 2.48 -10.21 -3.15
CA THR A 60 3.54 -9.22 -2.89
C THR A 60 3.27 -7.88 -3.60
N ILE A 61 2.70 -7.90 -4.81
CA ILE A 61 2.41 -6.65 -5.55
C ILE A 61 1.34 -5.83 -4.84
N LEU A 62 0.24 -6.49 -4.47
CA LEU A 62 -0.88 -5.84 -3.79
C LEU A 62 -0.50 -5.24 -2.43
N GLU A 63 0.34 -5.93 -1.66
CA GLU A 63 0.79 -5.41 -0.36
C GLU A 63 1.37 -3.97 -0.51
N THR A 64 2.18 -3.72 -1.55
CA THR A 64 2.75 -2.38 -1.75
C THR A 64 1.89 -1.46 -2.58
N TYR A 65 1.25 -2.02 -3.58
CA TYR A 65 0.43 -1.27 -4.51
C TYR A 65 -0.97 -1.87 -4.57
N PRO A 66 -1.85 -1.51 -3.62
CA PRO A 66 -3.16 -2.16 -3.56
C PRO A 66 -4.08 -1.79 -4.73
N ASN A 67 -3.79 -0.72 -5.46
CA ASN A 67 -4.62 -0.34 -6.60
C ASN A 67 -4.07 -0.75 -7.96
N HIS A 68 -2.96 -1.52 -7.97
CA HIS A 68 -2.47 -2.17 -9.20
C HIS A 68 -3.34 -3.38 -9.50
N GLN A 69 -3.40 -3.73 -10.77
CA GLN A 69 -4.09 -4.95 -11.17
C GLN A 69 -3.07 -5.95 -11.73
N VAL A 70 -3.44 -7.22 -11.64
CA VAL A 70 -2.56 -8.33 -12.01
C VAL A 70 -3.27 -9.30 -12.98
N LEU A 71 -2.75 -9.39 -14.20
CA LEU A 71 -3.27 -10.33 -15.21
C LEU A 71 -2.38 -11.56 -15.21
N GLY A 72 -2.88 -12.66 -14.66
CA GLY A 72 -2.11 -13.89 -14.51
C GLY A 72 -2.75 -15.08 -15.18
N GLU A 73 -1.92 -16.07 -15.53
CA GLU A 73 -2.44 -17.27 -16.21
C GLU A 73 -3.21 -18.16 -15.27
N GLU A 74 -2.63 -18.46 -14.11
CA GLU A 74 -3.25 -19.31 -13.09
C GLU A 74 -4.33 -18.56 -12.26
N GLY A 75 -5.00 -17.59 -12.90
CA GLY A 75 -6.34 -17.17 -12.52
C GLY A 75 -6.43 -15.88 -11.75
N HIS A 76 -5.78 -14.84 -12.26
CA HIS A 76 -5.93 -13.50 -11.72
C HIS A 76 -6.21 -12.54 -12.86
N GLY A 77 -7.21 -11.70 -12.70
CA GLY A 77 -7.48 -10.61 -13.68
C GLY A 77 -8.12 -10.87 -15.05
N HIS A 78 -8.63 -12.07 -15.32
CA HIS A 78 -9.41 -12.26 -16.57
C HIS A 78 -10.70 -11.40 -16.43
N ASP A 79 -11.09 -10.70 -17.48
CA ASP A 79 -12.09 -9.62 -17.40
C ASP A 79 -11.65 -8.50 -16.45
N ILE A 80 -10.46 -7.97 -16.74
CA ILE A 80 -10.10 -6.63 -16.33
C ILE A 80 -9.75 -5.82 -17.57
N ASP A 81 -10.32 -4.62 -17.67
CA ASP A 81 -9.88 -3.69 -18.69
C ASP A 81 -8.41 -3.41 -18.38
N THR A 82 -7.54 -3.98 -19.22
CA THR A 82 -6.07 -3.94 -19.10
C THR A 82 -5.47 -2.60 -19.51
N SER A 83 -6.24 -1.77 -20.18
CA SER A 83 -5.77 -0.41 -20.57
C SER A 83 -5.83 0.63 -19.43
N LYS A 84 -6.48 0.29 -18.30
CA LYS A 84 -6.70 1.19 -17.16
C LYS A 84 -5.74 0.91 -15.96
N GLY A 85 -4.98 1.93 -15.59
CA GLY A 85 -4.08 1.89 -14.45
C GLY A 85 -2.79 1.16 -14.74
N THR A 86 -2.15 0.71 -13.66
CA THR A 86 -0.94 -0.10 -13.74
C THR A 86 -1.32 -1.60 -13.74
N VAL A 87 -0.88 -2.30 -14.77
CA VAL A 87 -1.22 -3.70 -14.97
C VAL A 87 0.07 -4.52 -15.07
N TRP A 88 0.12 -5.56 -14.24
CA TRP A 88 1.19 -6.55 -14.20
C TRP A 88 0.69 -7.80 -14.91
N VAL A 89 1.41 -8.23 -15.94
CA VAL A 89 0.96 -9.38 -16.72
C VAL A 89 2.03 -10.46 -16.56
N VAL A 90 1.69 -11.46 -15.75
CA VAL A 90 2.63 -12.43 -15.26
C VAL A 90 2.31 -13.85 -15.67
N ASP A 91 3.38 -14.52 -16.07
CA ASP A 91 3.42 -15.95 -16.25
C ASP A 91 4.45 -16.36 -15.23
N PRO A 92 4.01 -17.04 -14.17
CA PRO A 92 4.96 -17.45 -13.11
C PRO A 92 5.94 -18.54 -13.53
N ILE A 93 5.54 -19.47 -14.41
CA ILE A 93 6.50 -20.43 -15.01
C ILE A 93 6.09 -20.60 -16.47
N ASP A 94 6.83 -19.94 -17.37
CA ASP A 94 6.68 -20.17 -18.79
C ASP A 94 7.63 -21.29 -19.15
N GLY A 95 7.07 -22.31 -19.79
CA GLY A 95 7.76 -23.55 -20.04
C GLY A 95 7.57 -24.55 -18.93
N THR A 96 6.34 -24.85 -18.55
CA THR A 96 6.12 -25.88 -17.50
C THR A 96 6.52 -27.29 -17.91
N LEU A 97 6.38 -27.63 -19.19
CA LEU A 97 6.85 -28.94 -19.67
C LEU A 97 8.36 -29.00 -19.50
N ASN A 98 9.07 -27.95 -19.91
CA ASN A 98 10.49 -27.90 -19.63
C ASN A 98 10.76 -27.95 -18.15
N PHE A 99 9.94 -27.28 -17.36
CA PHE A 99 10.08 -27.32 -15.91
C PHE A 99 10.06 -28.75 -15.40
N VAL A 100 9.01 -29.49 -15.76
CA VAL A 100 8.74 -30.89 -15.34
C VAL A 100 9.82 -31.83 -15.89
N HIS A 101 10.08 -31.74 -17.18
CA HIS A 101 10.95 -32.72 -17.86
C HIS A 101 12.44 -32.46 -17.84
N GLN A 102 12.85 -31.20 -17.72
CA GLN A 102 14.27 -30.83 -17.83
C GLN A 102 14.84 -30.16 -16.61
N GLN A 103 13.99 -29.72 -15.69
CA GLN A 103 14.39 -28.93 -14.54
C GLN A 103 15.18 -27.65 -14.94
N GLU A 104 14.92 -27.13 -16.14
CA GLU A 104 15.57 -25.91 -16.65
C GLU A 104 14.85 -25.44 -17.89
N ASN A 105 15.35 -24.35 -18.49
CA ASN A 105 14.78 -23.74 -19.71
C ASN A 105 13.32 -23.27 -19.50
N PHE A 106 13.03 -22.72 -18.32
CA PHE A 106 11.75 -22.10 -18.02
C PHE A 106 12.03 -20.74 -17.48
N ALA A 107 11.06 -19.85 -17.62
CA ALA A 107 11.22 -18.44 -17.24
C ALA A 107 10.03 -17.97 -16.44
N ILE A 108 10.31 -17.04 -15.53
CA ILE A 108 9.27 -16.15 -14.98
C ILE A 108 9.17 -14.97 -15.94
N SER A 109 7.95 -14.64 -16.40
CA SER A 109 7.74 -13.46 -17.29
C SER A 109 6.84 -12.43 -16.61
N ILE A 110 7.29 -11.18 -16.61
CA ILE A 110 6.53 -10.03 -16.09
C ILE A 110 6.63 -8.83 -17.00
N GLY A 111 5.48 -8.28 -17.33
CA GLY A 111 5.33 -7.06 -18.11
C GLY A 111 4.45 -6.12 -17.35
N ILE A 112 4.97 -4.91 -17.18
CA ILE A 112 4.23 -3.82 -16.55
C ILE A 112 3.84 -2.78 -17.59
N TYR A 113 2.54 -2.55 -17.67
CA TYR A 113 1.94 -1.55 -18.52
C TYR A 113 1.32 -0.55 -17.60
N ILE A 114 1.31 0.70 -18.06
CA ILE A 114 0.69 1.79 -17.36
C ILE A 114 -0.20 2.51 -18.36
N ASP A 115 -1.50 2.55 -18.05
CA ASP A 115 -2.52 3.27 -18.85
C ASP A 115 -2.51 2.66 -20.23
N GLY A 116 -2.54 1.33 -20.28
CA GLY A 116 -2.39 0.56 -21.52
C GLY A 116 -1.08 0.66 -22.30
N LYS A 117 -0.06 1.30 -21.76
CA LYS A 117 1.21 1.54 -22.47
C LYS A 117 2.32 0.79 -21.72
N PRO A 118 3.13 0.00 -22.46
CA PRO A 118 4.18 -0.79 -21.80
C PRO A 118 5.16 0.11 -21.10
N TYR A 119 5.61 -0.30 -19.91
CA TYR A 119 6.65 0.41 -19.16
C TYR A 119 7.92 -0.45 -19.07
N ALA A 120 7.79 -1.67 -18.55
CA ALA A 120 8.95 -2.52 -18.27
C ALA A 120 8.66 -3.97 -18.56
N GLY A 121 9.70 -4.69 -18.94
CA GLY A 121 9.59 -6.11 -19.22
C GLY A 121 10.73 -6.86 -18.58
N PHE A 122 10.39 -8.01 -18.01
CA PHE A 122 11.31 -8.93 -17.32
C PHE A 122 11.04 -10.37 -17.74
N VAL A 123 12.11 -11.06 -18.12
CA VAL A 123 12.09 -12.48 -18.40
C VAL A 123 13.29 -13.11 -17.72
N TYR A 124 13.02 -13.93 -16.72
CA TYR A 124 14.08 -14.49 -15.89
C TYR A 124 14.24 -15.97 -16.12
N ASP A 125 15.31 -16.35 -16.84
CA ASP A 125 15.76 -17.76 -16.91
C ASP A 125 16.28 -18.20 -15.52
N VAL A 126 15.37 -18.79 -14.74
CA VAL A 126 15.59 -19.05 -13.33
C VAL A 126 16.84 -19.93 -13.11
N MET A 127 16.96 -21.04 -13.84
CA MET A 127 18.07 -21.97 -13.64
C MET A 127 19.39 -21.54 -14.29
N ALA A 128 19.35 -20.68 -15.32
CA ALA A 128 20.58 -20.07 -15.83
C ALA A 128 21.02 -18.92 -14.96
N ASP A 129 20.15 -18.51 -14.05
CA ASP A 129 20.32 -17.28 -13.33
C ASP A 129 20.62 -16.07 -14.21
N VAL A 130 19.82 -15.84 -15.26
CA VAL A 130 20.00 -14.70 -16.15
C VAL A 130 18.68 -13.97 -16.21
N LEU A 131 18.71 -12.67 -15.88
CA LEU A 131 17.53 -11.79 -15.94
C LEU A 131 17.64 -10.94 -17.22
N TYR A 132 16.65 -11.04 -18.13
CA TYR A 132 16.57 -10.16 -19.28
C TYR A 132 15.60 -9.06 -18.92
N HIS A 133 15.92 -7.79 -19.15
CA HIS A 133 15.06 -6.72 -18.69
C HIS A 133 15.17 -5.52 -19.59
N ALA A 134 14.19 -4.62 -19.49
CA ALA A 134 14.13 -3.43 -20.34
C ALA A 134 13.10 -2.42 -19.82
N LYS A 135 13.47 -1.14 -19.83
CA LYS A 135 12.52 -0.06 -19.61
C LYS A 135 12.30 0.58 -20.96
N VAL A 136 11.04 0.81 -21.32
CA VAL A 136 10.70 1.55 -22.54
C VAL A 136 11.57 2.82 -22.71
N GLY A 137 12.12 2.98 -23.91
CA GLY A 137 13.14 4.02 -24.20
C GLY A 137 14.53 3.88 -23.59
N GLU A 138 14.80 2.86 -22.78
CA GLU A 138 16.10 2.79 -22.10
C GLU A 138 16.92 1.57 -22.47
N GLY A 139 16.57 0.92 -23.60
CA GLY A 139 17.29 -0.28 -24.06
C GLY A 139 17.09 -1.53 -23.20
N ALA A 140 17.60 -2.64 -23.70
CA ALA A 140 17.36 -3.93 -23.07
C ALA A 140 18.65 -4.53 -22.61
N TYR A 141 18.54 -5.44 -21.66
CA TYR A 141 19.67 -5.98 -20.95
C TYR A 141 19.59 -7.50 -20.72
N ARG A 142 20.76 -8.11 -20.67
CA ARG A 142 20.95 -9.47 -20.18
C ARG A 142 21.78 -9.31 -18.90
N GLY A 143 21.15 -9.44 -17.75
CA GLY A 143 21.76 -8.95 -16.52
C GLY A 143 22.28 -7.51 -16.72
N SER A 144 23.58 -7.34 -16.57
CA SER A 144 24.21 -6.05 -16.65
C SER A 144 24.65 -5.70 -18.06
N GLN A 145 24.65 -6.69 -19.00
CA GLN A 145 25.14 -6.42 -20.37
C GLN A 145 24.09 -5.84 -21.32
N PRO A 146 24.37 -4.66 -21.91
CA PRO A 146 23.44 -4.16 -22.92
C PRO A 146 23.38 -5.07 -24.13
N LEU A 147 22.17 -5.21 -24.70
CA LEU A 147 21.99 -5.94 -25.94
C LEU A 147 22.07 -4.98 -27.12
N LYS A 148 22.60 -5.49 -28.23
CA LYS A 148 22.83 -4.72 -29.42
C LYS A 148 21.53 -4.61 -30.20
N PRO A 149 21.29 -3.49 -30.92
CA PRO A 149 20.20 -3.45 -31.91
C PRO A 149 20.34 -4.52 -32.98
N LEU A 150 19.20 -4.92 -33.55
CA LEU A 150 19.13 -6.03 -34.46
C LEU A 150 19.36 -5.50 -35.84
N ASN A 151 20.02 -6.32 -36.66
CA ASN A 151 20.25 -6.02 -38.06
C ASN A 151 19.24 -6.82 -38.84
N ASP A 152 18.88 -6.31 -40.02
CA ASP A 152 18.00 -7.05 -40.90
C ASP A 152 18.69 -8.33 -41.38
N SER A 153 17.89 -9.35 -41.65
CA SER A 153 18.34 -10.59 -42.21
C SER A 153 17.32 -10.98 -43.26
N ASN A 154 17.74 -11.83 -44.19
CA ASN A 154 16.81 -12.49 -45.13
C ASN A 154 16.40 -13.83 -44.62
N LEU A 155 15.23 -14.28 -45.05
CA LEU A 155 14.74 -15.56 -44.56
C LEU A 155 15.70 -16.70 -44.86
N ARG A 156 16.26 -16.72 -46.07
CA ARG A 156 17.11 -17.81 -46.52
C ARG A 156 18.43 -17.88 -45.73
N GLN A 157 18.81 -16.86 -44.97
CA GLN A 157 19.96 -16.94 -44.04
C GLN A 157 19.56 -16.77 -42.55
N SER A 158 18.36 -17.25 -42.20
CA SER A 158 17.77 -17.02 -40.88
C SER A 158 17.41 -18.36 -40.22
N ILE A 159 17.71 -18.49 -38.94
CA ILE A 159 17.24 -19.60 -38.07
C ILE A 159 15.92 -19.11 -37.49
N ILE A 160 14.84 -19.86 -37.68
CA ILE A 160 13.52 -19.45 -37.14
C ILE A 160 13.04 -20.36 -36.01
N GLY A 161 12.34 -19.76 -35.04
CA GLY A 161 11.76 -20.48 -33.93
C GLY A 161 10.37 -20.92 -34.32
N ILE A 162 10.17 -22.23 -34.45
CA ILE A 162 8.84 -22.77 -34.65
C ILE A 162 8.71 -24.22 -34.26
N ASN A 163 7.71 -24.54 -33.51
CA ASN A 163 7.53 -25.90 -33.07
C ASN A 163 7.00 -26.87 -34.16
N PRO A 164 7.56 -28.10 -34.22
CA PRO A 164 7.01 -29.12 -35.10
C PRO A 164 5.50 -29.30 -35.02
N ASN A 165 4.91 -29.12 -33.83
CA ASN A 165 3.48 -29.35 -33.69
C ASN A 165 2.61 -28.50 -34.64
N TRP A 166 3.03 -27.28 -34.95
CA TRP A 166 2.28 -26.40 -35.85
C TRP A 166 2.27 -26.89 -37.29
N LEU A 167 3.26 -27.67 -37.68
CA LEU A 167 3.40 -28.09 -39.06
C LEU A 167 2.47 -29.24 -39.42
N THR A 168 1.89 -29.89 -38.41
CA THR A 168 0.95 -31.00 -38.59
C THR A 168 -0.50 -30.53 -38.62
N LYS A 169 -0.75 -29.22 -38.59
CA LYS A 169 -2.11 -28.72 -38.43
C LYS A 169 -2.71 -28.56 -39.79
N PRO A 170 -4.04 -28.85 -39.92
CA PRO A 170 -4.74 -28.90 -41.22
C PRO A 170 -4.21 -27.91 -42.32
N ILE A 171 -4.47 -26.60 -42.21
CA ILE A 171 -4.04 -25.63 -43.27
C ILE A 171 -2.92 -24.66 -42.84
N LEU A 172 -2.86 -24.38 -41.54
CA LEU A 172 -1.72 -23.67 -40.98
C LEU A 172 -0.37 -24.41 -41.22
N GLY A 173 -0.38 -25.73 -41.14
CA GLY A 173 0.82 -26.49 -41.40
C GLY A 173 1.37 -26.21 -42.77
N GLU A 174 0.48 -26.21 -43.76
CA GLU A 174 0.88 -26.08 -45.13
C GLU A 174 1.46 -24.69 -45.40
N ILE A 175 0.82 -23.65 -44.88
CA ILE A 175 1.36 -22.26 -44.90
C ILE A 175 2.75 -22.13 -44.22
N PHE A 176 2.93 -22.74 -43.06
CA PHE A 176 4.26 -22.73 -42.42
C PHE A 176 5.37 -23.56 -43.12
N LYS A 177 5.02 -24.60 -43.88
CA LYS A 177 6.05 -25.40 -44.57
C LYS A 177 6.89 -24.59 -45.57
N GLU A 178 6.31 -23.66 -46.31
CA GLU A 178 7.14 -22.85 -47.22
C GLU A 178 8.18 -22.05 -46.41
N ILE A 179 7.75 -21.47 -45.28
CA ILE A 179 8.64 -20.67 -44.42
C ILE A 179 9.74 -21.49 -43.84
N VAL A 180 9.38 -22.68 -43.38
CA VAL A 180 10.39 -23.61 -42.86
C VAL A 180 11.42 -23.93 -43.94
N ASN A 181 10.96 -24.20 -45.16
CA ASN A 181 11.84 -24.61 -46.28
C ASN A 181 12.71 -23.51 -46.87
N ASP A 182 12.24 -22.25 -46.88
CA ASP A 182 13.10 -21.12 -47.31
C ASP A 182 14.09 -20.83 -46.19
N SER A 183 13.67 -21.02 -44.93
CA SER A 183 14.53 -20.68 -43.76
C SER A 183 15.79 -21.55 -43.77
N ARG A 184 16.88 -20.95 -43.30
CA ARG A 184 18.14 -21.65 -43.27
C ARG A 184 18.07 -22.91 -42.40
N SER A 185 17.51 -22.75 -41.20
CA SER A 185 17.16 -23.86 -40.33
C SER A 185 16.09 -23.42 -39.28
N ALA A 186 15.62 -24.37 -38.49
CA ALA A 186 14.48 -24.10 -37.59
C ALA A 186 14.75 -24.70 -36.23
N ARG A 187 14.32 -24.02 -35.16
CA ARG A 187 14.62 -24.43 -33.77
C ARG A 187 13.34 -24.41 -32.94
N ALA A 188 13.38 -25.02 -31.77
CA ALA A 188 12.19 -25.07 -30.88
C ALA A 188 12.61 -25.43 -29.47
N TYR A 189 12.40 -24.47 -28.56
CA TYR A 189 12.94 -24.51 -27.21
C TYR A 189 11.87 -24.76 -26.16
N GLY A 190 10.60 -24.61 -26.50
CA GLY A 190 9.55 -24.86 -25.51
C GLY A 190 9.35 -23.77 -24.46
N SER A 191 9.76 -22.54 -24.78
CA SER A 191 9.36 -21.37 -23.97
C SER A 191 9.15 -20.17 -24.87
N ALA A 192 7.92 -19.75 -24.99
CA ALA A 192 7.64 -18.60 -25.80
C ALA A 192 8.37 -17.33 -25.28
N ALA A 193 8.36 -17.13 -23.97
CA ALA A 193 9.03 -15.96 -23.40
C ALA A 193 10.50 -15.97 -23.73
N LEU A 194 11.18 -17.13 -23.53
CA LEU A 194 12.63 -17.28 -23.84
C LEU A 194 12.95 -17.27 -25.32
N GLU A 195 12.04 -17.76 -26.16
CA GLU A 195 12.18 -17.60 -27.60
C GLU A 195 12.02 -16.21 -28.16
N ILE A 196 11.12 -15.44 -27.59
CA ILE A 196 11.03 -14.02 -27.92
C ILE A 196 12.36 -13.32 -27.49
N VAL A 197 12.84 -13.61 -26.28
CA VAL A 197 14.12 -13.08 -25.83
C VAL A 197 15.31 -13.57 -26.72
N SER A 198 15.26 -14.81 -27.22
CA SER A 198 16.24 -15.27 -28.22
C SER A 198 16.29 -14.40 -29.43
N VAL A 199 15.13 -13.99 -29.91
CA VAL A 199 15.06 -13.07 -31.03
C VAL A 199 15.63 -11.70 -30.63
N ALA A 200 15.30 -11.24 -29.43
CA ALA A 200 15.85 -9.97 -28.91
C ALA A 200 17.36 -9.98 -28.75
N THR A 201 17.91 -11.14 -28.33
CA THR A 201 19.39 -11.33 -28.18
C THR A 201 20.11 -11.70 -29.47
N GLY A 202 19.40 -11.89 -30.57
CA GLY A 202 20.02 -12.42 -31.82
C GLY A 202 20.26 -13.94 -31.91
N ASN A 203 19.83 -14.74 -30.96
CA ASN A 203 19.97 -16.21 -31.08
C ASN A 203 19.05 -16.84 -32.12
N LEU A 204 17.89 -16.24 -32.33
CA LEU A 204 17.02 -16.57 -33.45
C LEU A 204 16.74 -15.28 -34.20
N GLU A 205 16.64 -15.39 -35.51
CA GLU A 205 16.27 -14.24 -36.33
C GLU A 205 14.74 -13.99 -36.25
N ALA A 206 13.93 -15.06 -36.15
CA ALA A 206 12.47 -14.92 -36.02
C ALA A 206 11.86 -16.03 -35.15
N TYR A 207 10.61 -15.85 -34.71
CA TYR A 207 9.87 -16.87 -33.95
C TYR A 207 8.42 -16.71 -34.25
N MET A 208 7.68 -17.82 -34.32
CA MET A 208 6.26 -17.70 -34.68
C MET A 208 5.36 -18.80 -34.13
N THR A 209 4.10 -18.45 -33.86
CA THR A 209 3.17 -19.39 -33.25
C THR A 209 1.75 -18.88 -33.48
N PRO A 210 0.80 -19.79 -33.63
CA PRO A 210 -0.59 -19.38 -33.83
C PRO A 210 -1.33 -18.97 -32.55
N ARG A 211 -0.93 -19.48 -31.38
CA ARG A 211 -1.61 -19.12 -30.12
C ARG A 211 -0.63 -18.80 -28.95
N LEU A 212 -0.64 -17.55 -28.54
CA LEU A 212 -0.11 -17.13 -27.26
C LEU A 212 -1.10 -16.31 -26.43
N GLN A 213 -0.97 -16.36 -25.11
CA GLN A 213 -1.70 -15.44 -24.23
C GLN A 213 -0.84 -14.19 -23.89
N PRO A 214 -1.49 -13.07 -23.49
CA PRO A 214 -0.75 -11.88 -23.10
C PRO A 214 0.39 -12.12 -22.09
N TRP A 215 0.20 -13.02 -21.12
CA TRP A 215 1.27 -13.32 -20.12
C TRP A 215 2.53 -13.97 -20.74
N ASP A 216 2.39 -14.62 -21.89
CA ASP A 216 3.53 -15.25 -22.58
C ASP A 216 4.42 -14.23 -23.31
N PHE A 217 3.83 -13.14 -23.80
CA PHE A 217 4.64 -12.17 -24.56
C PHE A 217 4.81 -10.82 -23.90
N ALA A 218 3.98 -10.49 -22.90
CA ALA A 218 3.99 -9.15 -22.35
C ALA A 218 5.38 -8.67 -21.93
N GLY A 219 6.12 -9.49 -21.21
CA GLY A 219 7.48 -9.10 -20.77
C GLY A 219 8.51 -9.09 -21.89
N GLY A 220 8.51 -10.16 -22.68
CA GLY A 220 9.45 -10.31 -23.80
C GLY A 220 9.39 -9.25 -24.90
N LEU A 221 8.20 -8.69 -25.10
CA LEU A 221 7.95 -7.69 -26.15
C LEU A 221 8.61 -6.34 -25.85
N VAL A 222 8.67 -5.98 -24.56
CA VAL A 222 9.34 -4.69 -24.19
C VAL A 222 10.83 -4.78 -24.53
N ILE A 223 11.40 -5.93 -24.21
CA ILE A 223 12.79 -6.23 -24.47
C ILE A 223 13.05 -6.21 -26.00
N LEU A 224 12.25 -6.96 -26.74
CA LEU A 224 12.32 -7.00 -28.20
C LEU A 224 12.25 -5.59 -28.87
N TYR A 225 11.25 -4.81 -28.47
CA TYR A 225 11.05 -3.45 -28.96
C TYR A 225 12.26 -2.55 -28.63
N GLU A 226 12.96 -2.83 -27.52
CA GLU A 226 14.14 -2.07 -27.16
C GLU A 226 15.37 -2.39 -27.96
N VAL A 227 15.37 -3.44 -28.78
CA VAL A 227 16.51 -3.69 -29.71
C VAL A 227 16.08 -3.52 -31.16
N ASN A 228 14.93 -2.87 -31.39
CA ASN A 228 14.42 -2.53 -32.71
C ASN A 228 13.83 -3.74 -33.43
N GLY A 229 13.33 -4.68 -32.65
CA GLY A 229 12.64 -5.77 -33.22
C GLY A 229 11.26 -5.34 -33.50
N GLN A 230 10.49 -6.27 -34.04
CA GLN A 230 9.15 -5.96 -34.44
C GLN A 230 8.25 -7.11 -34.21
N ALA A 231 7.09 -6.84 -33.65
CA ALA A 231 6.11 -7.86 -33.39
C ALA A 231 4.78 -7.51 -34.03
N SER A 232 4.07 -8.53 -34.50
CA SER A 232 2.67 -8.45 -34.92
C SER A 232 2.13 -9.85 -34.72
N ASN A 233 0.84 -10.03 -35.03
CA ASN A 233 0.27 -11.37 -35.21
C ASN A 233 0.50 -11.76 -36.66
N LEU A 234 -0.03 -12.92 -37.06
CA LEU A 234 0.33 -13.51 -38.35
C LEU A 234 -0.34 -12.82 -39.52
N LEU A 235 -1.29 -11.89 -39.23
CA LEU A 235 -1.94 -11.04 -40.22
C LEU A 235 -1.33 -9.65 -40.19
N GLY A 236 -0.22 -9.44 -39.48
CA GLY A 236 0.45 -8.14 -39.46
C GLY A 236 -0.16 -7.12 -38.53
N GLU A 237 -1.23 -7.50 -37.86
CA GLU A 237 -1.91 -6.63 -36.92
C GLU A 237 -1.05 -6.51 -35.64
N PRO A 238 -1.02 -5.33 -35.02
CA PRO A 238 -0.20 -5.15 -33.81
C PRO A 238 -0.70 -5.97 -32.60
N LEU A 239 0.21 -6.41 -31.72
CA LEU A 239 -0.17 -7.19 -30.52
C LEU A 239 -0.61 -6.29 -29.36
N THR A 240 -1.49 -6.79 -28.49
CA THR A 240 -1.83 -6.09 -27.21
C THR A 240 -2.13 -7.10 -26.14
N ILE A 241 -2.16 -6.60 -24.92
CA ILE A 241 -2.46 -7.42 -23.73
C ILE A 241 -3.93 -7.65 -23.44
N SER A 242 -4.80 -7.04 -24.23
CA SER A 242 -6.25 -7.29 -24.14
C SER A 242 -6.72 -8.65 -24.58
N GLY A 243 -5.88 -9.44 -25.23
CA GLY A 243 -6.28 -10.82 -25.54
C GLY A 243 -5.21 -11.73 -26.12
N PRO A 244 -5.55 -13.01 -26.26
CA PRO A 244 -4.66 -13.92 -26.90
C PRO A 244 -4.48 -13.54 -28.36
N ASN A 245 -3.42 -14.05 -28.98
CA ASN A 245 -3.16 -13.81 -30.38
C ASN A 245 -2.10 -14.79 -30.94
N SER A 246 -1.93 -14.75 -32.26
CA SER A 246 -0.85 -15.44 -32.97
C SER A 246 0.30 -14.45 -32.96
N ILE A 247 1.47 -14.90 -33.43
CA ILE A 247 2.74 -14.24 -33.19
C ILE A 247 3.65 -14.37 -34.38
N LEU A 248 4.16 -13.24 -34.87
CA LEU A 248 5.32 -13.20 -35.71
C LEU A 248 6.25 -12.13 -35.13
N VAL A 249 7.41 -12.55 -34.63
CA VAL A 249 8.46 -11.66 -34.18
C VAL A 249 9.78 -11.93 -34.90
N GLY A 250 10.50 -10.86 -35.24
CA GLY A 250 11.77 -10.96 -35.92
C GLY A 250 12.46 -9.63 -36.00
N ASN A 251 13.60 -9.57 -36.68
CA ASN A 251 14.16 -8.25 -37.08
C ASN A 251 13.23 -7.68 -38.16
N ARG A 252 13.24 -6.38 -38.34
CA ARG A 252 12.27 -5.69 -39.22
C ARG A 252 12.28 -6.29 -40.62
N GLY A 253 13.49 -6.47 -41.15
CA GLY A 253 13.66 -6.90 -42.54
C GLY A 253 13.07 -8.26 -42.82
N LEU A 254 13.36 -9.20 -41.92
CA LEU A 254 12.84 -10.55 -42.00
C LEU A 254 11.34 -10.67 -41.65
N HIS A 255 10.85 -9.76 -40.81
CA HIS A 255 9.39 -9.65 -40.53
C HIS A 255 8.63 -9.29 -41.81
N GLN A 256 9.11 -8.26 -42.52
CA GLN A 256 8.53 -7.80 -43.81
C GLN A 256 8.44 -8.98 -44.78
N GLU A 257 9.54 -9.74 -44.81
CA GLU A 257 9.64 -10.85 -45.75
C GLU A 257 8.70 -11.99 -45.38
N ILE A 258 8.61 -12.36 -44.10
CA ILE A 258 7.77 -13.49 -43.74
C ILE A 258 6.32 -13.11 -43.94
N SER A 259 5.90 -11.95 -43.41
CA SER A 259 4.50 -11.44 -43.55
C SER A 259 4.11 -11.21 -45.02
N ASN A 260 4.94 -10.46 -45.74
CA ASN A 260 4.68 -10.04 -47.12
C ASN A 260 4.66 -11.20 -48.11
N ASP A 261 5.71 -12.03 -48.08
CA ASP A 261 5.81 -13.19 -49.02
C ASP A 261 4.97 -14.39 -48.73
N TYR A 262 5.05 -14.90 -47.51
CA TYR A 262 4.58 -16.28 -47.18
C TYR A 262 3.27 -16.35 -46.40
N LEU A 263 2.93 -15.26 -45.68
CA LEU A 263 1.63 -15.10 -44.97
C LEU A 263 0.52 -14.33 -45.76
N GLU A 264 0.80 -13.09 -46.22
CA GLU A 264 -0.24 -12.27 -46.93
C GLU A 264 -0.88 -12.99 -48.13
N PRO A 265 -0.11 -13.80 -48.86
CA PRO A 265 -0.76 -14.64 -49.87
C PRO A 265 -1.78 -15.61 -49.35
N HIS A 266 -1.80 -15.91 -48.06
CA HIS A 266 -2.82 -16.79 -47.50
C HIS A 266 -3.72 -16.07 -46.50
N HIS A 267 -3.90 -14.74 -46.69
CA HIS A 267 -4.67 -13.84 -45.76
C HIS A 267 -6.04 -14.44 -45.44
N ASP A 268 -6.78 -14.85 -46.47
CA ASP A 268 -8.18 -15.30 -46.27
C ASP A 268 -8.28 -16.58 -45.47
N ALA A 269 -7.40 -17.54 -45.76
CA ALA A 269 -7.27 -18.76 -44.96
C ALA A 269 -6.87 -18.44 -43.51
N LEU A 270 -5.90 -17.55 -43.36
CA LEU A 270 -5.43 -17.11 -42.05
C LEU A 270 -6.46 -16.33 -41.28
N ILE A 271 -7.36 -15.62 -41.97
CA ILE A 271 -8.41 -14.87 -41.30
C ILE A 271 -9.41 -15.83 -40.74
N GLN A 272 -9.84 -16.77 -41.58
CA GLN A 272 -10.82 -17.73 -41.14
C GLN A 272 -10.26 -18.54 -39.96
N LEU A 273 -9.03 -19.04 -40.10
CA LEU A 273 -8.33 -19.64 -38.97
C LEU A 273 -8.40 -18.74 -37.74
N HIS A 274 -7.99 -17.48 -37.88
CA HIS A 274 -7.99 -16.56 -36.74
C HIS A 274 -9.37 -16.47 -36.10
N GLU A 275 -10.44 -16.32 -36.88
CA GLU A 275 -11.78 -16.18 -36.30
C GLU A 275 -12.28 -17.49 -35.63
N GLN A 276 -11.80 -18.65 -36.11
CA GLN A 276 -12.05 -19.94 -35.46
C GLN A 276 -11.32 -20.05 -34.09
N ARG A 277 -10.03 -19.74 -34.03
CA ARG A 277 -9.29 -19.84 -32.75
C ARG A 277 -9.83 -18.84 -31.69
N PHE A 278 -10.03 -17.59 -32.08
CA PHE A 278 -10.36 -16.50 -31.13
C PHE A 278 -11.81 -16.04 -31.34
N LYS A 279 -12.73 -16.78 -30.71
CA LYS A 279 -14.14 -16.83 -31.12
C LYS A 279 -15.08 -16.31 -30.02
N GLY B 7 -3.40 12.43 -2.90
CA GLY B 7 -3.25 13.90 -2.68
C GLY B 7 -3.93 14.77 -3.72
N SER B 8 -4.25 16.01 -3.31
CA SER B 8 -4.60 17.10 -4.21
C SER B 8 -5.86 16.87 -5.05
N MET B 9 -6.96 16.34 -4.50
CA MET B 9 -7.35 16.36 -3.10
C MET B 9 -7.52 14.99 -2.44
N ALA B 10 -7.04 13.93 -3.09
CA ALA B 10 -7.42 12.55 -2.73
C ALA B 10 -7.21 12.13 -1.28
N LEU B 11 -6.01 12.42 -0.78
CA LEU B 11 -5.57 12.07 0.59
C LEU B 11 -6.42 12.85 1.62
N TYR B 12 -6.69 14.11 1.28
CA TYR B 12 -7.47 15.00 2.10
C TYR B 12 -8.90 14.45 2.29
N GLY B 13 -9.53 14.06 1.18
CA GLY B 13 -10.88 13.49 1.17
C GLY B 13 -11.01 12.19 1.92
N PHE B 14 -10.06 11.30 1.71
CA PHE B 14 -9.98 10.04 2.43
C PHE B 14 -9.99 10.30 3.95
N ALA B 15 -9.14 11.22 4.41
CA ALA B 15 -9.03 11.53 5.83
C ALA B 15 -10.33 12.08 6.37
N GLN B 16 -10.94 12.92 5.56
CA GLN B 16 -12.14 13.62 5.97
C GLN B 16 -13.28 12.69 6.20
N GLY B 17 -13.49 11.79 5.24
CA GLY B 17 -14.52 10.81 5.36
C GLY B 17 -14.20 9.87 6.50
N LEU B 18 -12.92 9.51 6.62
CA LEU B 18 -12.47 8.56 7.65
C LEU B 18 -12.74 9.07 9.07
N ILE B 19 -12.46 10.36 9.35
CA ILE B 19 -12.66 10.92 10.69
C ILE B 19 -14.15 10.99 11.06
N GLN B 20 -15.00 11.31 10.07
CA GLN B 20 -16.47 11.31 10.23
C GLN B 20 -17.11 9.93 10.50
N GLU B 21 -16.61 8.92 9.80
CA GLU B 21 -17.03 7.57 10.00
C GLU B 21 -16.58 7.10 11.36
N ALA B 22 -15.35 7.45 11.74
CA ALA B 22 -14.88 7.16 13.08
C ALA B 22 -15.77 7.75 14.17
N GLY B 23 -16.28 8.96 13.94
CA GLY B 23 -17.17 9.58 14.87
C GLY B 23 -18.47 8.81 15.01
N ILE B 24 -19.04 8.38 13.88
CA ILE B 24 -20.33 7.63 13.93
C ILE B 24 -20.15 6.36 14.76
N ARG B 25 -19.00 5.73 14.61
CA ARG B 25 -18.70 4.51 15.37
C ARG B 25 -18.53 4.71 16.86
N ILE B 26 -18.03 5.88 17.27
CA ILE B 26 -17.91 6.23 18.69
C ILE B 26 -19.31 6.29 19.26
N LYS B 27 -20.23 6.91 18.54
CA LYS B 27 -21.59 7.05 19.01
C LYS B 27 -22.29 5.70 19.18
N GLN B 28 -22.00 4.78 18.25
CA GLN B 28 -22.54 3.42 18.29
C GLN B 28 -22.07 2.72 19.54
N LEU B 29 -20.76 2.70 19.73
CA LEU B 29 -20.16 2.20 20.96
C LEU B 29 -20.68 2.90 22.22
N MET B 30 -20.98 4.19 22.15
CA MET B 30 -21.52 4.87 23.31
C MET B 30 -22.88 4.30 23.64
N GLU B 31 -23.73 4.14 22.63
CA GLU B 31 -25.08 3.56 22.80
C GLU B 31 -25.02 2.09 23.30
N GLN B 32 -24.18 1.25 22.68
CA GLN B 32 -24.07 -0.15 23.10
C GLN B 32 -23.54 -0.31 24.54
N ASN B 33 -22.57 0.50 24.94
CA ASN B 33 -22.07 0.48 26.33
C ASN B 33 -23.06 1.08 27.37
N LEU B 34 -24.34 1.17 27.00
CA LEU B 34 -25.43 1.43 27.96
C LEU B 34 -26.81 1.00 27.39
N VAL B 46 -14.66 4.14 27.23
CA VAL B 46 -13.66 5.22 27.04
C VAL B 46 -12.36 4.69 26.47
N THR B 47 -11.75 3.75 27.21
CA THR B 47 -10.49 3.02 26.84
C THR B 47 -10.78 1.95 25.74
N ASN B 48 -11.91 1.21 25.90
CA ASN B 48 -12.53 0.41 24.83
C ASN B 48 -12.67 1.35 23.63
N VAL B 49 -13.43 2.44 23.78
CA VAL B 49 -13.73 3.25 22.57
C VAL B 49 -12.50 4.01 21.99
N ASP B 50 -11.52 4.37 22.85
CA ASP B 50 -10.29 5.00 22.37
C ASP B 50 -9.47 3.98 21.54
N LYS B 51 -9.29 2.73 22.04
CA LYS B 51 -8.64 1.65 21.23
C LYS B 51 -9.42 1.30 19.95
N ALA B 52 -10.74 1.15 20.05
CA ALA B 52 -11.60 0.90 18.88
C ALA B 52 -11.46 2.01 17.83
N THR B 53 -11.35 3.25 18.31
CA THR B 53 -11.20 4.38 17.39
C THR B 53 -9.79 4.42 16.77
N GLU B 54 -8.72 4.20 17.54
CA GLU B 54 -7.35 4.21 16.98
C GLU B 54 -7.10 3.06 16.02
N ASP B 55 -7.57 1.90 16.41
CA ASP B 55 -7.51 0.73 15.54
C ASP B 55 -8.21 0.96 14.22
N PHE B 56 -9.48 1.34 14.22
CA PHE B 56 -10.23 1.59 12.98
C PHE B 56 -9.48 2.60 12.08
N ILE B 57 -8.95 3.65 12.70
CA ILE B 57 -8.24 4.68 11.95
C ILE B 57 -6.91 4.14 11.40
N PHE B 58 -6.06 3.62 12.28
CA PHE B 58 -4.83 2.95 11.87
C PHE B 58 -5.09 1.96 10.74
N ASP B 59 -5.98 1.01 10.95
CA ASP B 59 -6.19 -0.05 9.96
C ASP B 59 -6.65 0.50 8.64
N THR B 60 -7.57 1.46 8.65
CA THR B 60 -8.13 1.94 7.41
C THR B 60 -7.09 2.72 6.58
N ILE B 61 -6.27 3.49 7.26
CA ILE B 61 -5.15 4.20 6.65
C ILE B 61 -4.14 3.26 5.98
N LEU B 62 -3.75 2.22 6.73
CA LEU B 62 -2.74 1.28 6.24
C LEU B 62 -3.24 0.47 5.05
N GLU B 63 -4.51 0.07 5.04
CA GLU B 63 -5.04 -0.69 3.89
C GLU B 63 -4.95 0.08 2.55
N THR B 64 -4.98 1.41 2.60
CA THR B 64 -4.95 2.24 1.35
C THR B 64 -3.60 2.90 1.08
N TYR B 65 -2.84 3.16 2.13
CA TYR B 65 -1.55 3.77 1.99
C TYR B 65 -0.64 2.98 2.92
N PRO B 66 -0.17 1.82 2.46
CA PRO B 66 0.65 0.95 3.34
C PRO B 66 2.01 1.57 3.79
N ASN B 67 2.56 2.53 3.04
CA ASN B 67 3.82 3.14 3.45
C ASN B 67 3.68 4.37 4.39
N HIS B 68 2.45 4.77 4.73
CA HIS B 68 2.24 5.89 5.69
C HIS B 68 2.48 5.44 7.10
N GLN B 69 2.90 6.36 7.95
CA GLN B 69 3.03 6.10 9.38
C GLN B 69 1.95 6.80 10.23
N VAL B 70 1.70 6.25 11.40
CA VAL B 70 0.70 6.73 12.31
C VAL B 70 1.35 6.97 13.69
N LEU B 71 1.32 8.23 14.12
CA LEU B 71 1.76 8.66 15.43
C LEU B 71 0.53 8.87 16.32
N GLY B 72 0.35 8.01 17.31
CA GLY B 72 -0.89 7.95 18.09
C GLY B 72 -0.70 8.16 19.57
N GLU B 73 -1.77 8.55 20.26
CA GLU B 73 -1.71 8.61 21.72
C GLU B 73 -1.70 7.18 22.29
N GLU B 74 -2.82 6.47 22.07
CA GLU B 74 -3.03 5.10 22.57
C GLU B 74 -2.20 4.00 21.79
N GLY B 75 -0.87 4.12 21.72
CA GLY B 75 -0.02 3.00 21.26
C GLY B 75 0.61 3.03 19.85
N HIS B 76 -0.22 2.83 18.82
CA HIS B 76 0.24 2.66 17.40
C HIS B 76 0.77 3.98 16.79
N ILE B 80 9.50 6.59 15.55
CA ILE B 80 9.13 7.21 14.27
C ILE B 80 9.84 8.56 14.07
N ASP B 81 10.52 8.74 12.93
CA ASP B 81 11.11 10.02 12.55
C ASP B 81 10.06 10.75 11.75
N THR B 82 9.43 11.76 12.34
CA THR B 82 8.30 12.49 11.74
C THR B 82 8.66 13.40 10.54
N SER B 83 9.94 13.51 10.20
CA SER B 83 10.41 14.24 9.01
C SER B 83 10.35 13.44 7.70
N LYS B 84 10.05 12.15 7.78
CA LYS B 84 10.11 11.23 6.62
C LYS B 84 8.73 10.67 6.24
N GLY B 85 8.38 10.82 4.97
CA GLY B 85 7.16 10.22 4.41
C GLY B 85 5.89 10.95 4.82
N THR B 86 4.76 10.26 4.75
CA THR B 86 3.51 10.85 5.18
C THR B 86 3.26 10.33 6.56
N VAL B 87 3.02 11.24 7.51
CA VAL B 87 2.82 10.90 8.91
C VAL B 87 1.46 11.47 9.37
N TRP B 88 0.58 10.57 9.81
CA TRP B 88 -0.72 10.92 10.40
C TRP B 88 -0.51 11.05 11.90
N VAL B 89 -0.83 12.19 12.50
CA VAL B 89 -0.63 12.34 13.94
C VAL B 89 -2.00 12.46 14.55
N VAL B 90 -2.39 11.44 15.31
CA VAL B 90 -3.77 11.26 15.66
C VAL B 90 -4.09 11.09 17.15
N ASP B 91 -5.05 11.88 17.60
CA ASP B 91 -5.61 11.66 18.92
C ASP B 91 -7.06 11.16 18.74
N PRO B 92 -7.29 9.86 18.99
CA PRO B 92 -8.58 9.23 18.74
C PRO B 92 -9.69 9.87 19.52
N ILE B 93 -9.37 10.34 20.72
CA ILE B 93 -10.33 11.03 21.56
C ILE B 93 -9.60 12.00 22.46
N ASP B 94 -9.55 13.24 22.02
CA ASP B 94 -9.08 14.32 22.83
C ASP B 94 -10.23 14.82 23.69
N GLY B 95 -10.03 14.81 24.99
CA GLY B 95 -11.08 15.18 25.93
C GLY B 95 -11.73 14.00 26.62
N THR B 96 -10.94 13.03 27.06
CA THR B 96 -11.53 11.82 27.63
C THR B 96 -12.32 12.17 28.84
N LEU B 97 -11.82 13.07 29.69
CA LEU B 97 -12.59 13.42 30.91
C LEU B 97 -13.95 13.96 30.51
N ASN B 98 -14.02 14.72 29.41
CA ASN B 98 -15.33 15.18 28.92
C ASN B 98 -16.20 14.04 28.39
N PHE B 99 -15.61 13.13 27.60
CA PHE B 99 -16.26 11.88 27.18
C PHE B 99 -16.90 11.12 28.36
N VAL B 100 -16.14 10.89 29.41
CA VAL B 100 -16.63 10.13 30.59
C VAL B 100 -17.65 10.90 31.37
N HIS B 101 -17.31 12.14 31.75
CA HIS B 101 -18.12 12.92 32.68
C HIS B 101 -19.25 13.71 32.06
N GLN B 102 -19.10 14.07 30.78
CA GLN B 102 -20.11 14.90 30.07
C GLN B 102 -20.76 14.25 28.86
N GLN B 103 -20.18 13.18 28.33
CA GLN B 103 -20.66 12.55 27.09
C GLN B 103 -20.75 13.51 25.89
N GLU B 104 -19.89 14.52 25.90
CA GLU B 104 -19.75 15.49 24.80
C GLU B 104 -18.46 16.37 24.99
N ASN B 105 -18.21 17.31 24.09
CA ASN B 105 -17.02 18.19 24.14
C ASN B 105 -15.74 17.41 24.05
N PHE B 106 -15.77 16.35 23.28
CA PHE B 106 -14.55 15.61 22.95
C PHE B 106 -14.36 15.61 21.44
N ALA B 107 -13.14 15.43 21.02
CA ALA B 107 -12.82 15.50 19.60
C ALA B 107 -11.89 14.44 19.16
N ILE B 108 -11.98 14.05 17.88
CA ILE B 108 -10.97 13.26 17.20
C ILE B 108 -10.08 14.26 16.51
N SER B 109 -8.76 14.04 16.56
CA SER B 109 -7.81 15.00 15.99
C SER B 109 -6.81 14.29 15.09
N ILE B 110 -6.63 14.88 13.91
CA ILE B 110 -5.75 14.31 12.91
C ILE B 110 -5.03 15.43 12.23
N GLY B 111 -3.71 15.36 12.30
CA GLY B 111 -2.89 16.15 11.44
C GLY B 111 -2.09 15.25 10.55
N ILE B 112 -1.95 15.63 9.28
CA ILE B 112 -1.16 14.86 8.31
C ILE B 112 0.02 15.69 7.90
N TYR B 113 1.22 15.07 7.90
CA TYR B 113 2.47 15.73 7.53
C TYR B 113 3.13 14.96 6.40
N ILE B 114 3.63 15.69 5.39
CA ILE B 114 4.36 15.10 4.29
C ILE B 114 5.76 15.69 4.31
N ASP B 115 6.74 14.79 4.57
CA ASP B 115 8.15 15.10 4.82
C ASP B 115 8.36 16.27 5.75
N GLY B 116 7.94 16.09 6.99
CA GLY B 116 8.08 17.14 8.01
C GLY B 116 7.15 18.35 7.92
N LYS B 117 6.55 18.59 6.76
CA LYS B 117 5.76 19.80 6.45
C LYS B 117 4.26 19.48 6.67
N PRO B 118 3.46 20.47 7.18
CA PRO B 118 1.98 20.36 7.22
C PRO B 118 1.28 20.16 5.87
N TYR B 119 0.31 19.25 5.80
CA TYR B 119 -0.55 19.03 4.62
C TYR B 119 -2.02 19.29 4.95
N ALA B 120 -2.49 18.72 6.04
CA ALA B 120 -3.89 18.87 6.37
C ALA B 120 -4.13 18.59 7.85
N GLY B 121 -5.24 19.15 8.34
CA GLY B 121 -5.68 19.03 9.74
C GLY B 121 -7.20 18.99 9.90
N PHE B 122 -7.63 18.17 10.84
CA PHE B 122 -9.04 17.88 11.11
C PHE B 122 -9.22 17.83 12.61
N VAL B 123 -10.24 18.48 13.14
CA VAL B 123 -10.69 18.28 14.53
C VAL B 123 -12.21 18.09 14.40
N TYR B 124 -12.68 16.92 14.81
CA TYR B 124 -14.08 16.53 14.74
C TYR B 124 -14.75 16.45 16.08
N ASP B 125 -15.70 17.35 16.28
CA ASP B 125 -16.46 17.45 17.53
C ASP B 125 -17.64 16.51 17.34
N VAL B 126 -17.46 15.30 17.85
CA VAL B 126 -18.23 14.12 17.50
C VAL B 126 -19.71 14.36 17.78
N MET B 127 -20.04 14.67 19.02
CA MET B 127 -21.42 14.88 19.44
C MET B 127 -22.13 16.10 18.85
N ALA B 128 -21.39 17.16 18.60
CA ALA B 128 -21.92 18.31 17.89
C ALA B 128 -22.04 18.01 16.36
N ASP B 129 -21.38 16.98 15.86
CA ASP B 129 -21.26 16.79 14.40
C ASP B 129 -20.75 18.05 13.62
N VAL B 130 -19.67 18.68 14.13
CA VAL B 130 -19.02 19.83 13.47
C VAL B 130 -17.59 19.42 13.24
N LEU B 131 -17.22 19.37 11.95
CA LEU B 131 -15.86 19.07 11.55
C LEU B 131 -15.11 20.33 11.13
N TYR B 132 -14.04 20.63 11.88
CA TYR B 132 -13.16 21.74 11.58
C TYR B 132 -12.03 21.10 10.78
N HIS B 133 -11.73 21.69 9.63
CA HIS B 133 -10.78 21.05 8.73
C HIS B 133 -10.19 22.07 7.84
N ALA B 134 -8.98 21.76 7.39
CA ALA B 134 -8.21 22.63 6.50
C ALA B 134 -7.12 21.83 5.79
N LYS B 135 -7.02 22.08 4.50
CA LYS B 135 -5.89 21.71 3.73
C LYS B 135 -5.02 22.95 3.70
N VAL B 136 -3.71 22.74 3.84
CA VAL B 136 -2.71 23.82 3.89
C VAL B 136 -2.70 24.59 2.57
N GLY B 137 -2.75 25.91 2.68
CA GLY B 137 -2.86 26.82 1.57
C GLY B 137 -4.25 27.08 1.02
N GLU B 138 -5.29 26.46 1.56
CA GLU B 138 -6.61 26.51 0.96
C GLU B 138 -7.75 27.02 1.85
N GLY B 139 -7.40 27.64 2.99
CA GLY B 139 -8.39 28.09 4.01
C GLY B 139 -8.83 26.98 4.96
N ALA B 140 -9.51 27.41 6.02
CA ALA B 140 -10.09 26.56 7.03
C ALA B 140 -11.62 26.62 6.99
N TYR B 141 -12.26 25.52 7.41
CA TYR B 141 -13.70 25.39 7.39
C TYR B 141 -14.26 24.88 8.70
N ARG B 142 -15.51 25.24 8.91
CA ARG B 142 -16.34 24.67 9.90
C ARG B 142 -17.46 24.03 9.05
N GLY B 143 -17.43 22.72 8.92
CA GLY B 143 -18.28 22.05 7.94
C GLY B 143 -17.95 22.55 6.54
N SER B 144 -18.91 23.18 5.91
CA SER B 144 -18.73 23.75 4.60
C SER B 144 -18.54 25.28 4.65
N GLN B 145 -18.59 25.90 5.84
CA GLN B 145 -18.46 27.35 5.96
C GLN B 145 -17.02 27.77 6.17
N PRO B 146 -16.47 28.65 5.31
CA PRO B 146 -15.10 29.11 5.57
C PRO B 146 -14.95 29.92 6.88
N LEU B 147 -13.79 29.85 7.49
CA LEU B 147 -13.46 30.73 8.59
C LEU B 147 -12.73 32.01 8.14
N LYS B 148 -13.14 33.12 8.72
CA LYS B 148 -12.52 34.42 8.49
C LYS B 148 -11.17 34.45 9.17
N PRO B 149 -10.19 35.19 8.57
CA PRO B 149 -8.92 35.52 9.18
C PRO B 149 -9.09 36.22 10.51
N LEU B 150 -8.20 35.92 11.45
CA LEU B 150 -8.23 36.51 12.78
C LEU B 150 -7.82 37.99 12.75
N ASN B 151 -8.38 38.77 13.65
CA ASN B 151 -7.97 40.16 13.94
C ASN B 151 -7.16 40.26 15.19
N ASP B 152 -6.30 41.27 15.28
CA ASP B 152 -5.54 41.53 16.49
C ASP B 152 -6.41 41.95 17.69
N SER B 153 -5.99 41.58 18.89
CA SER B 153 -6.71 42.03 20.11
C SER B 153 -5.67 42.40 21.13
N ASN B 154 -6.00 43.32 22.01
CA ASN B 154 -5.23 43.59 23.20
C ASN B 154 -5.58 42.53 24.25
N LEU B 155 -4.62 42.19 25.08
CA LEU B 155 -4.87 41.26 26.15
C LEU B 155 -6.06 41.64 27.02
N ARG B 156 -6.20 42.93 27.34
CA ARG B 156 -7.24 43.38 28.26
C ARG B 156 -8.62 43.23 27.67
N GLN B 157 -8.71 43.13 26.35
CA GLN B 157 -9.98 42.87 25.69
C GLN B 157 -10.03 41.46 25.13
N SER B 158 -9.28 40.54 25.72
CA SER B 158 -9.15 39.20 25.22
C SER B 158 -9.63 38.14 26.27
N ILE B 159 -10.44 37.20 25.80
CA ILE B 159 -10.82 35.99 26.55
C ILE B 159 -9.76 34.89 26.28
N ILE B 160 -9.14 34.35 27.31
CA ILE B 160 -8.00 33.37 27.13
C ILE B 160 -8.38 31.98 27.63
N GLY B 161 -7.88 30.98 26.96
CA GLY B 161 -8.09 29.59 27.36
C GLY B 161 -6.94 29.18 28.27
N ILE B 162 -7.22 28.94 29.55
CA ILE B 162 -6.21 28.38 30.47
C ILE B 162 -6.88 27.60 31.58
N ASN B 163 -6.38 26.40 31.86
CA ASN B 163 -7.01 25.55 32.87
C ASN B 163 -6.62 25.96 34.31
N PRO B 164 -7.59 26.04 35.22
CA PRO B 164 -7.27 26.43 36.58
C PRO B 164 -6.17 25.64 37.30
N ASN B 165 -6.00 24.38 36.95
CA ASN B 165 -4.89 23.56 37.48
C ASN B 165 -3.47 24.04 37.20
N TRP B 166 -3.27 24.96 36.26
CA TRP B 166 -1.95 25.46 35.96
C TRP B 166 -1.57 26.62 36.87
N LEU B 167 -2.53 27.13 37.62
CA LEU B 167 -2.28 28.24 38.52
C LEU B 167 -1.99 27.82 39.96
N THR B 168 -2.17 26.53 40.25
CA THR B 168 -1.94 25.94 41.60
C THR B 168 -0.59 25.27 41.73
N LYS B 169 0.04 24.94 40.59
CA LYS B 169 1.43 24.49 40.57
C LYS B 169 2.35 25.71 40.86
N PRO B 170 3.48 25.52 41.60
CA PRO B 170 4.37 26.64 42.06
C PRO B 170 5.06 27.60 41.02
N ILE B 171 5.98 27.11 40.18
CA ILE B 171 6.63 27.96 39.17
C ILE B 171 5.58 28.48 38.18
N LEU B 172 4.68 27.59 37.78
CA LEU B 172 3.67 27.86 36.74
C LEU B 172 2.71 28.99 37.08
N GLY B 173 2.06 28.90 38.24
CA GLY B 173 1.10 29.91 38.66
C GLY B 173 1.70 31.30 38.72
N GLU B 174 2.95 31.37 39.18
CA GLU B 174 3.68 32.64 39.21
C GLU B 174 3.75 33.23 37.79
N ILE B 175 4.19 32.40 36.84
CA ILE B 175 4.30 32.74 35.41
C ILE B 175 2.97 33.23 34.76
N PHE B 176 1.86 32.55 35.08
CA PHE B 176 0.56 32.77 34.44
C PHE B 176 -0.39 33.70 35.17
N LYS B 177 -0.20 33.98 36.46
CA LYS B 177 -1.19 34.80 37.15
C LYS B 177 -1.33 36.24 36.59
N GLU B 178 -0.24 36.85 36.11
CA GLU B 178 -0.36 38.23 35.60
C GLU B 178 -1.10 38.18 34.28
N ILE B 179 -0.79 37.18 33.44
CA ILE B 179 -1.54 37.00 32.20
C ILE B 179 -3.06 36.79 32.43
N VAL B 180 -3.41 35.95 33.39
CA VAL B 180 -4.78 35.78 33.84
C VAL B 180 -5.35 37.10 34.41
N ASN B 181 -4.61 37.77 35.28
CA ASN B 181 -5.15 38.98 35.91
C ASN B 181 -5.43 40.15 34.94
N ASP B 182 -4.63 40.25 33.88
CA ASP B 182 -4.83 41.34 32.91
CA ASP B 182 -4.76 41.31 32.90
C ASP B 182 -5.86 41.04 31.86
N SER B 183 -6.02 39.77 31.48
CA SER B 183 -6.99 39.41 30.43
C SER B 183 -8.42 39.73 30.86
N ARG B 184 -9.30 39.95 29.89
CA ARG B 184 -10.69 40.22 30.18
C ARG B 184 -11.30 39.07 30.92
N SER B 185 -11.07 37.85 30.48
CA SER B 185 -11.56 36.67 31.20
C SER B 185 -10.87 35.35 30.75
N ALA B 186 -11.18 34.28 31.47
CA ALA B 186 -10.52 33.04 31.23
C ALA B 186 -11.56 31.96 31.08
N ARG B 187 -11.28 31.01 30.20
CA ARG B 187 -12.15 29.87 29.98
C ARG B 187 -11.33 28.58 30.04
N ALA B 188 -12.03 27.48 30.26
CA ALA B 188 -11.38 26.16 30.26
C ALA B 188 -12.46 25.15 29.92
N TYR B 189 -12.22 24.47 28.80
CA TYR B 189 -13.20 23.62 28.14
C TYR B 189 -12.86 22.16 28.20
N GLY B 190 -11.63 21.84 28.59
CA GLY B 190 -11.22 20.46 28.84
C GLY B 190 -10.77 19.67 27.66
N SER B 191 -10.48 20.35 26.54
CA SER B 191 -10.03 19.72 25.30
C SER B 191 -9.08 20.61 24.54
N ALA B 192 -7.83 20.22 24.50
CA ALA B 192 -6.76 21.01 23.89
C ALA B 192 -7.01 21.27 22.42
N ALA B 193 -7.37 20.22 21.70
CA ALA B 193 -7.65 20.36 20.27
C ALA B 193 -8.79 21.35 19.98
N LEU B 194 -9.87 21.20 20.74
CA LEU B 194 -11.02 22.07 20.60
C LEU B 194 -10.73 23.47 21.06
N GLU B 195 -9.84 23.64 22.02
CA GLU B 195 -9.48 24.98 22.46
C GLU B 195 -8.58 25.63 21.40
N ILE B 196 -7.75 24.86 20.72
CA ILE B 196 -6.86 25.43 19.66
C ILE B 196 -7.74 25.91 18.55
N VAL B 197 -8.72 25.05 18.24
CA VAL B 197 -9.77 25.41 17.28
C VAL B 197 -10.65 26.63 17.69
N SER B 198 -11.10 26.71 18.94
CA SER B 198 -11.74 27.92 19.50
C SER B 198 -10.97 29.22 19.18
N VAL B 199 -9.65 29.15 19.17
CA VAL B 199 -8.86 30.30 18.73
C VAL B 199 -9.01 30.47 17.23
N ALA B 200 -8.90 29.38 16.50
CA ALA B 200 -9.07 29.47 15.07
C ALA B 200 -10.39 30.16 14.66
N THR B 201 -11.47 29.94 15.42
CA THR B 201 -12.82 30.52 15.10
C THR B 201 -13.16 31.90 15.69
N GLY B 202 -12.32 32.50 16.55
CA GLY B 202 -12.63 33.80 17.24
C GLY B 202 -13.21 33.68 18.66
N ASN B 203 -13.42 32.44 19.06
CA ASN B 203 -14.14 32.10 20.24
C ASN B 203 -13.33 32.29 21.54
N LEU B 204 -12.03 31.95 21.47
CA LEU B 204 -11.01 32.40 22.40
C LEU B 204 -10.04 33.32 21.60
N GLU B 205 -9.50 34.36 22.21
CA GLU B 205 -8.42 35.09 21.56
C GLU B 205 -7.07 34.41 21.75
N ALA B 206 -6.91 33.63 22.81
CA ALA B 206 -5.67 32.89 23.04
C ALA B 206 -5.84 31.64 23.88
N TYR B 207 -4.86 30.75 23.81
CA TYR B 207 -4.87 29.55 24.58
C TYR B 207 -3.42 29.22 24.98
N MET B 208 -3.25 28.71 26.21
CA MET B 208 -1.96 28.33 26.71
C MET B 208 -2.02 27.16 27.69
N THR B 209 -0.90 26.44 27.71
CA THR B 209 -0.72 25.31 28.61
C THR B 209 0.75 24.94 28.61
N PRO B 210 1.23 24.43 29.76
CA PRO B 210 2.69 24.09 29.85
C PRO B 210 3.12 22.88 29.06
N ARG B 211 2.22 21.95 28.75
CA ARG B 211 2.60 20.72 28.04
C ARG B 211 1.45 20.06 27.26
N LEU B 212 1.76 19.68 26.02
CA LEU B 212 0.86 19.04 25.11
C LEU B 212 1.67 18.12 24.28
N GLN B 213 1.07 16.99 23.92
CA GLN B 213 1.71 16.08 22.98
C GLN B 213 1.37 16.46 21.54
N PRO B 214 2.14 15.99 20.56
CA PRO B 214 1.88 16.39 19.18
C PRO B 214 0.50 16.02 18.60
N TRP B 215 -0.06 14.92 19.10
CA TRP B 215 -1.40 14.47 18.73
C TRP B 215 -2.50 15.43 19.23
N ASP B 216 -2.22 16.20 20.28
CA ASP B 216 -3.18 17.26 20.73
C ASP B 216 -3.20 18.50 19.84
N PHE B 217 -2.10 18.84 19.17
CA PHE B 217 -2.07 20.13 18.44
C PHE B 217 -1.86 20.08 16.93
N ALA B 218 -1.46 18.93 16.40
CA ALA B 218 -1.09 18.82 15.00
C ALA B 218 -2.25 19.20 14.10
N GLY B 219 -3.45 18.68 14.41
CA GLY B 219 -4.61 18.90 13.55
C GLY B 219 -5.05 20.34 13.67
N GLY B 220 -5.16 20.78 14.93
CA GLY B 220 -5.47 22.16 15.29
C GLY B 220 -4.56 23.25 14.77
N LEU B 221 -3.26 23.06 14.79
CA LEU B 221 -2.33 24.10 14.30
C LEU B 221 -2.51 24.38 12.80
N VAL B 222 -2.80 23.34 12.01
CA VAL B 222 -2.98 23.55 10.56
C VAL B 222 -4.12 24.55 10.34
N ILE B 223 -5.21 24.29 11.05
CA ILE B 223 -6.40 25.08 10.98
C ILE B 223 -6.18 26.51 11.42
N LEU B 224 -5.51 26.66 12.54
CA LEU B 224 -5.05 27.95 13.06
C LEU B 224 -4.20 28.69 12.05
N TYR B 225 -3.24 27.99 11.46
CA TYR B 225 -2.33 28.62 10.51
C TYR B 225 -3.06 29.22 9.32
N GLU B 226 -4.16 28.60 8.89
CA GLU B 226 -4.97 29.10 7.79
C GLU B 226 -5.77 30.36 8.09
N VAL B 227 -6.11 30.64 9.35
CA VAL B 227 -6.76 31.91 9.72
C VAL B 227 -5.74 32.93 10.23
N ASN B 228 -4.47 32.72 9.88
CA ASN B 228 -3.35 33.63 10.14
C ASN B 228 -3.17 33.85 11.61
N GLY B 229 -3.43 32.81 12.37
CA GLY B 229 -3.25 32.89 13.79
C GLY B 229 -1.87 32.38 13.99
N GLN B 230 -1.45 32.24 15.23
CA GLN B 230 -0.09 31.77 15.44
C GLN B 230 0.20 31.13 16.74
N ALA B 231 1.28 30.36 16.65
CA ALA B 231 1.54 29.33 17.60
C ALA B 231 3.02 29.27 17.89
N SER B 232 3.35 29.21 19.16
CA SER B 232 4.73 28.95 19.59
C SER B 232 4.67 28.15 20.87
N ASN B 233 5.82 27.75 21.39
CA ASN B 233 5.89 27.35 22.80
C ASN B 233 5.93 28.60 23.64
N LEU B 234 6.09 28.44 24.93
CA LEU B 234 6.09 29.58 25.87
C LEU B 234 7.37 30.40 25.81
N LEU B 235 8.37 29.94 25.06
CA LEU B 235 9.62 30.68 24.87
C LEU B 235 9.66 31.30 23.52
N GLY B 236 8.56 31.25 22.78
CA GLY B 236 8.54 31.79 21.40
C GLY B 236 9.17 30.95 20.29
N GLU B 237 9.50 29.70 20.59
CA GLU B 237 10.09 28.76 19.64
C GLU B 237 8.97 28.09 18.81
N PRO B 238 9.27 27.68 17.56
CA PRO B 238 8.20 27.04 16.78
C PRO B 238 7.84 25.69 17.37
N LEU B 239 6.59 25.27 17.26
CA LEU B 239 6.21 23.94 17.70
C LEU B 239 6.48 22.94 16.57
N THR B 240 6.84 21.73 16.94
CA THR B 240 7.03 20.69 15.95
C THR B 240 6.31 19.44 16.43
N ILE B 241 6.17 18.47 15.52
CA ILE B 241 5.56 17.20 15.88
C ILE B 241 6.59 16.18 16.41
N SER B 242 7.86 16.60 16.45
CA SER B 242 8.95 15.70 16.88
C SER B 242 8.97 15.39 18.36
N GLY B 243 8.25 16.16 19.17
CA GLY B 243 8.12 15.84 20.60
C GLY B 243 7.15 16.75 21.32
N PRO B 244 6.92 16.49 22.61
CA PRO B 244 6.00 17.34 23.36
C PRO B 244 6.56 18.74 23.51
N ASN B 245 5.70 19.70 23.80
CA ASN B 245 6.12 21.07 24.00
C ASN B 245 5.06 21.86 24.76
N SER B 246 5.46 23.03 25.26
CA SER B 246 4.54 23.98 25.87
C SER B 246 3.92 24.73 24.72
N ILE B 247 2.83 25.45 24.99
CA ILE B 247 1.94 26.00 23.97
C ILE B 247 1.45 27.40 24.33
N LEU B 248 1.64 28.32 23.39
CA LEU B 248 0.94 29.61 23.42
C LEU B 248 0.43 29.84 22.03
N VAL B 249 -0.88 29.97 21.88
CA VAL B 249 -1.53 30.29 20.60
C VAL B 249 -2.51 31.44 20.72
N GLY B 250 -2.56 32.29 19.71
CA GLY B 250 -3.56 33.37 19.70
C GLY B 250 -3.46 34.13 18.42
N ASN B 251 -4.27 35.19 18.26
CA ASN B 251 -4.06 36.12 17.17
C ASN B 251 -2.72 36.75 17.36
N ARG B 252 -2.18 37.24 16.25
CA ARG B 252 -0.85 37.79 16.20
C ARG B 252 -0.62 38.86 17.28
N GLY B 253 -1.52 39.84 17.35
CA GLY B 253 -1.31 40.94 18.28
C GLY B 253 -1.10 40.43 19.68
N LEU B 254 -1.98 39.53 20.06
CA LEU B 254 -2.05 39.20 21.43
C LEU B 254 -1.13 38.07 21.83
N HIS B 255 -0.72 37.25 20.87
CA HIS B 255 0.39 36.31 21.07
C HIS B 255 1.68 37.09 21.50
N GLN B 256 1.99 38.12 20.72
CA GLN B 256 3.06 39.10 20.98
C GLN B 256 3.03 39.73 22.41
N GLU B 257 1.92 40.35 22.76
CA GLU B 257 1.74 40.94 24.09
C GLU B 257 1.93 39.94 25.23
N ILE B 258 1.37 38.74 25.09
CA ILE B 258 1.55 37.69 26.10
C ILE B 258 3.03 37.30 26.13
N SER B 259 3.65 37.02 24.99
CA SER B 259 5.04 36.57 24.94
C SER B 259 6.05 37.66 25.42
N ASN B 260 5.98 38.88 24.89
CA ASN B 260 6.98 39.94 25.15
C ASN B 260 6.85 40.65 26.50
N ASP B 261 5.62 40.99 26.87
CA ASP B 261 5.32 41.62 28.12
C ASP B 261 5.16 40.62 29.31
N TYR B 262 4.61 39.42 29.14
CA TYR B 262 4.36 38.54 30.34
C TYR B 262 5.12 37.23 30.46
N LEU B 263 5.58 36.67 29.34
CA LEU B 263 6.31 35.40 29.38
C LEU B 263 7.84 35.59 29.42
N GLU B 264 8.33 36.52 28.61
CA GLU B 264 9.76 36.69 28.45
C GLU B 264 10.49 37.06 29.77
N PRO B 265 9.93 37.99 30.56
CA PRO B 265 10.42 38.18 31.93
C PRO B 265 10.41 36.96 32.89
N HIS B 266 9.96 35.78 32.50
CA HIS B 266 10.15 34.60 33.34
C HIS B 266 10.96 33.49 32.62
N HIS B 267 11.76 33.86 31.59
CA HIS B 267 12.43 32.90 30.70
C HIS B 267 13.21 31.83 31.46
N ASP B 268 14.04 32.26 32.40
CA ASP B 268 14.82 31.37 33.27
C ASP B 268 13.98 30.29 33.94
N ALA B 269 12.85 30.68 34.52
CA ALA B 269 11.98 29.71 35.21
C ALA B 269 11.42 28.64 34.24
N LEU B 270 11.16 29.08 33.00
CA LEU B 270 10.51 28.28 31.98
C LEU B 270 11.52 27.35 31.35
N ILE B 271 12.70 27.89 31.00
CA ILE B 271 13.84 27.10 30.49
C ILE B 271 14.15 25.94 31.48
N GLN B 272 14.26 26.29 32.75
CA GLN B 272 14.41 25.30 33.81
C GLN B 272 13.23 24.33 33.80
N LEU B 273 12.01 24.84 33.71
CA LEU B 273 10.81 23.99 33.64
C LEU B 273 10.81 23.02 32.45
N HIS B 274 11.55 23.34 31.39
CA HIS B 274 11.69 22.48 30.24
C HIS B 274 12.58 21.23 30.44
N LEU C 11 -49.28 31.13 34.55
CA LEU C 11 -48.03 31.94 34.87
C LEU C 11 -46.79 31.20 34.37
N TYR C 12 -46.60 29.97 34.82
CA TYR C 12 -45.47 29.14 34.38
C TYR C 12 -45.33 28.99 32.87
N GLY C 13 -46.49 28.85 32.19
CA GLY C 13 -46.59 28.85 30.73
C GLY C 13 -46.43 30.25 30.15
N PHE C 14 -46.91 31.28 30.85
CA PHE C 14 -46.67 32.69 30.46
C PHE C 14 -45.18 33.03 30.42
N ALA C 15 -44.49 32.80 31.53
CA ALA C 15 -43.04 33.09 31.62
C ALA C 15 -42.27 32.26 30.59
N GLN C 16 -42.65 30.99 30.42
CA GLN C 16 -42.17 30.10 29.33
C GLN C 16 -42.12 30.82 27.97
N GLY C 17 -43.20 31.53 27.63
CA GLY C 17 -43.36 32.08 26.30
C GLY C 17 -42.56 33.34 26.17
N LEU C 18 -42.68 34.18 27.20
CA LEU C 18 -41.93 35.44 27.34
C LEU C 18 -40.42 35.25 27.21
N ILE C 19 -39.83 34.37 28.02
CA ILE C 19 -38.38 34.19 27.99
C ILE C 19 -37.94 33.86 26.55
N GLN C 20 -38.73 33.04 25.87
CA GLN C 20 -38.43 32.67 24.47
C GLN C 20 -38.66 33.80 23.48
N GLU C 21 -39.75 34.54 23.69
CA GLU C 21 -40.03 35.68 22.87
C GLU C 21 -38.86 36.66 22.99
N ALA C 22 -38.36 36.84 24.20
CA ALA C 22 -37.21 37.74 24.43
C ALA C 22 -35.93 37.30 23.70
N GLY C 23 -35.71 36.01 23.60
CA GLY C 23 -34.58 35.44 22.87
C GLY C 23 -34.68 35.59 21.36
N ILE C 24 -35.89 35.39 20.84
CA ILE C 24 -36.18 35.76 19.45
C ILE C 24 -35.81 37.23 19.20
N ARG C 25 -36.20 38.14 20.10
CA ARG C 25 -35.83 39.58 20.02
C ARG C 25 -34.32 39.88 20.16
N ILE C 26 -33.60 39.14 21.01
CA ILE C 26 -32.12 39.26 21.03
C ILE C 26 -31.53 38.89 19.65
N LYS C 27 -32.03 37.80 19.06
CA LYS C 27 -31.50 37.28 17.78
C LYS C 27 -31.81 38.25 16.62
N GLN C 28 -33.01 38.85 16.66
CA GLN C 28 -33.32 40.00 15.78
C GLN C 28 -32.30 41.12 15.90
N LEU C 29 -32.04 41.58 17.13
CA LEU C 29 -31.10 42.68 17.34
C LEU C 29 -29.69 42.35 16.90
N MET C 30 -29.28 41.08 16.98
CA MET C 30 -28.00 40.65 16.45
C MET C 30 -27.96 40.66 14.92
N GLU C 31 -28.99 40.12 14.28
CA GLU C 31 -29.08 40.09 12.80
C GLU C 31 -29.09 41.51 12.20
N GLN C 32 -29.90 42.39 12.79
CA GLN C 32 -29.96 43.81 12.36
C GLN C 32 -28.61 44.52 12.51
N ASN C 33 -27.96 44.30 13.65
CA ASN C 33 -26.65 44.93 13.94
C ASN C 33 -25.47 44.38 13.08
N LEU C 34 -25.68 43.27 12.37
CA LEU C 34 -24.80 42.82 11.27
C LEU C 34 -25.45 43.13 9.87
N THR C 35 -25.96 44.35 9.70
CA THR C 35 -26.66 44.82 8.49
C THR C 35 -26.84 46.34 8.53
N ASN C 48 -26.97 47.88 25.40
CA ASN C 48 -27.87 48.20 24.28
C ASN C 48 -28.89 47.08 24.00
N VAL C 49 -28.44 45.92 23.50
CA VAL C 49 -29.29 44.73 23.45
C VAL C 49 -29.70 44.33 24.85
N ASP C 50 -28.78 44.53 25.76
CA ASP C 50 -29.01 44.29 27.16
C ASP C 50 -30.19 45.13 27.72
N LYS C 51 -30.23 46.42 27.37
CA LYS C 51 -31.31 47.32 27.82
C LYS C 51 -32.66 46.94 27.17
N ALA C 52 -32.58 46.75 25.86
CA ALA C 52 -33.71 46.41 25.02
C ALA C 52 -34.49 45.26 25.57
N THR C 53 -33.76 44.20 25.99
CA THR C 53 -34.40 42.98 26.51
C THR C 53 -34.90 43.12 27.96
N GLU C 54 -34.18 43.83 28.81
CA GLU C 54 -34.72 44.09 30.18
C GLU C 54 -36.10 44.77 30.03
N ASP C 55 -36.14 45.89 29.31
CA ASP C 55 -37.40 46.63 29.08
C ASP C 55 -38.50 45.72 28.56
N PHE C 56 -38.14 44.88 27.60
CA PHE C 56 -39.15 44.03 27.02
C PHE C 56 -39.79 43.15 28.07
N ILE C 57 -38.93 42.55 28.91
CA ILE C 57 -39.34 41.57 29.91
C ILE C 57 -40.14 42.23 31.02
N PHE C 58 -39.65 43.37 31.52
CA PHE C 58 -40.32 44.22 32.54
C PHE C 58 -41.73 44.65 32.06
N ASP C 59 -41.79 45.35 30.92
CA ASP C 59 -43.08 45.82 30.37
C ASP C 59 -44.03 44.65 30.12
N THR C 60 -43.56 43.63 29.42
CA THR C 60 -44.41 42.45 29.17
C THR C 60 -44.91 41.78 30.47
N ILE C 61 -44.10 41.79 31.54
CA ILE C 61 -44.48 41.18 32.85
C ILE C 61 -45.51 42.02 33.62
N LEU C 62 -45.49 43.35 33.45
CA LEU C 62 -46.50 44.25 34.06
C LEU C 62 -47.80 44.35 33.22
N GLU C 63 -47.66 44.51 31.90
CA GLU C 63 -48.82 44.50 30.98
C GLU C 63 -49.68 43.21 31.02
N THR C 64 -49.41 42.27 31.93
CA THR C 64 -50.29 41.09 32.18
C THR C 64 -50.51 40.78 33.69
N TYR C 65 -49.52 41.09 34.53
CA TYR C 65 -49.62 40.99 35.98
C TYR C 65 -48.96 42.24 36.60
N PRO C 66 -49.68 43.38 36.60
CA PRO C 66 -49.07 44.68 37.04
C PRO C 66 -48.79 44.83 38.56
N ASN C 67 -49.37 43.95 39.38
CA ASN C 67 -49.05 43.89 40.82
C ASN C 67 -47.62 43.35 41.10
N HIS C 68 -47.05 42.58 40.16
CA HIS C 68 -45.79 41.87 40.41
C HIS C 68 -44.62 42.80 40.41
N GLN C 69 -43.57 42.29 41.03
CA GLN C 69 -42.35 43.01 41.34
C GLN C 69 -41.21 42.46 40.48
N VAL C 70 -40.25 43.32 40.12
CA VAL C 70 -39.18 42.92 39.23
C VAL C 70 -37.82 43.37 39.74
N LEU C 71 -37.02 42.39 40.20
CA LEU C 71 -35.66 42.64 40.63
C LEU C 71 -34.64 42.28 39.52
N GLY C 72 -34.11 43.32 38.84
CA GLY C 72 -32.86 43.29 38.04
C GLY C 72 -31.92 44.33 38.68
N GLU C 73 -30.68 44.58 38.29
CA GLU C 73 -29.83 44.11 37.15
C GLU C 73 -29.61 45.39 36.34
N GLU C 74 -30.05 45.50 35.08
CA GLU C 74 -29.90 46.75 34.33
C GLU C 74 -31.12 47.68 34.61
N GLY C 75 -31.47 47.85 35.89
CA GLY C 75 -32.77 48.44 36.30
C GLY C 75 -33.21 48.01 37.70
N ASP C 79 -34.87 49.90 47.35
CA ASP C 79 -34.79 48.44 47.51
C ASP C 79 -36.18 47.80 47.46
N ILE C 80 -36.37 46.78 46.60
CA ILE C 80 -37.58 45.91 46.62
C ILE C 80 -37.52 44.93 47.80
N ASP C 81 -38.65 44.69 48.44
CA ASP C 81 -38.77 43.66 49.47
C ASP C 81 -39.09 42.37 48.76
N THR C 82 -38.09 41.51 48.64
CA THR C 82 -38.24 40.25 47.89
C THR C 82 -39.11 39.19 48.56
N SER C 83 -39.41 39.34 49.85
CA SER C 83 -40.30 38.44 50.56
C SER C 83 -41.79 38.69 50.30
N LYS C 84 -42.12 39.91 49.86
CA LYS C 84 -43.51 40.34 49.69
C LYS C 84 -43.92 40.17 48.25
N GLY C 85 -44.94 39.35 48.02
CA GLY C 85 -45.58 39.26 46.74
C GLY C 85 -44.79 38.42 45.75
N THR C 86 -45.30 38.43 44.51
CA THR C 86 -44.72 37.70 43.39
C THR C 86 -43.59 38.54 42.77
N VAL C 87 -42.35 38.02 42.82
CA VAL C 87 -41.12 38.76 42.41
C VAL C 87 -40.42 38.04 41.25
N TRP C 88 -40.04 38.80 40.23
CA TRP C 88 -39.32 38.29 39.06
C TRP C 88 -37.87 38.75 39.21
N VAL C 89 -36.95 37.78 39.37
CA VAL C 89 -35.50 38.05 39.46
C VAL C 89 -34.87 37.70 38.12
N VAL C 90 -34.52 38.74 37.32
CA VAL C 90 -34.15 38.57 35.91
C VAL C 90 -32.74 39.06 35.60
N ASP C 91 -31.93 38.22 34.93
CA ASP C 91 -30.74 38.70 34.25
C ASP C 91 -31.04 38.63 32.76
N PRO C 92 -31.13 39.78 32.07
CA PRO C 92 -31.56 39.74 30.65
C PRO C 92 -30.53 39.12 29.75
N ILE C 93 -29.25 39.33 30.06
CA ILE C 93 -28.18 38.55 29.42
C ILE C 93 -27.11 38.22 30.43
N ASP C 94 -27.05 36.95 30.83
CA ASP C 94 -25.99 36.50 31.66
C ASP C 94 -24.98 35.86 30.74
N GLY C 95 -23.74 36.35 30.85
CA GLY C 95 -22.68 35.99 29.95
C GLY C 95 -22.39 37.06 28.92
N THR C 96 -22.44 38.36 29.27
CA THR C 96 -22.29 39.41 28.25
C THR C 96 -20.98 39.29 27.49
N LEU C 97 -19.92 38.92 28.19
CA LEU C 97 -18.62 38.66 27.57
C LEU C 97 -18.71 37.59 26.52
N ASN C 98 -19.39 36.50 26.87
CA ASN C 98 -19.67 35.52 25.83
C ASN C 98 -20.50 36.16 24.72
N PHE C 99 -21.54 36.90 25.07
CA PHE C 99 -22.34 37.62 24.06
C PHE C 99 -21.45 38.39 23.03
N VAL C 100 -20.50 39.16 23.54
CA VAL C 100 -19.72 40.09 22.74
C VAL C 100 -18.62 39.31 22.05
N HIS C 101 -17.91 38.44 22.75
CA HIS C 101 -16.73 37.74 22.16
C HIS C 101 -17.01 36.45 21.40
N GLN C 102 -18.14 35.79 21.66
CA GLN C 102 -18.43 34.53 21.00
C GLN C 102 -19.76 34.54 20.31
N GLN C 103 -20.58 35.56 20.50
CA GLN C 103 -21.95 35.54 20.00
C GLN C 103 -22.68 34.24 20.39
N GLU C 104 -22.38 33.68 21.55
CA GLU C 104 -23.12 32.55 22.05
C GLU C 104 -22.67 32.20 23.46
N ASN C 105 -23.21 31.13 24.03
CA ASN C 105 -23.00 30.76 25.41
C ASN C 105 -23.42 31.88 26.38
N PHE C 106 -24.52 32.55 26.06
CA PHE C 106 -25.14 33.52 26.92
C PHE C 106 -26.57 33.08 27.11
N ALA C 107 -27.18 33.51 28.19
CA ALA C 107 -28.52 33.03 28.55
C ALA C 107 -29.37 34.12 29.13
N ILE C 108 -30.69 33.98 29.00
CA ILE C 108 -31.58 34.83 29.78
C ILE C 108 -31.88 34.01 31.03
N SER C 109 -31.90 34.62 32.21
CA SER C 109 -32.24 33.88 33.41
C SER C 109 -33.36 34.54 34.15
N ILE C 110 -34.35 33.75 34.49
CA ILE C 110 -35.49 34.27 35.25
C ILE C 110 -35.85 33.34 36.43
N GLY C 111 -35.88 33.95 37.62
CA GLY C 111 -36.40 33.31 38.82
C GLY C 111 -37.68 33.98 39.29
N ILE C 112 -38.73 33.17 39.48
CA ILE C 112 -39.98 33.65 40.08
C ILE C 112 -40.16 33.13 41.51
N TYR C 113 -40.35 34.10 42.40
CA TYR C 113 -40.61 33.88 43.81
C TYR C 113 -41.98 34.45 44.18
N ILE C 114 -42.71 33.70 45.03
CA ILE C 114 -43.97 34.16 45.62
C ILE C 114 -43.79 34.22 47.13
N ASP C 115 -44.17 35.36 47.73
CA ASP C 115 -44.18 35.53 49.19
C ASP C 115 -42.92 34.92 49.82
N GLY C 116 -41.75 35.38 49.36
CA GLY C 116 -40.45 34.88 49.80
C GLY C 116 -39.98 33.52 49.27
N LYS C 117 -40.87 32.75 48.66
CA LYS C 117 -40.67 31.33 48.41
C LYS C 117 -40.60 31.02 46.91
N PRO C 118 -39.62 30.20 46.52
CA PRO C 118 -39.35 30.06 45.09
C PRO C 118 -40.49 29.31 44.39
N TYR C 119 -40.89 29.80 43.23
CA TYR C 119 -41.97 29.13 42.46
C TYR C 119 -41.42 28.46 41.21
N ALA C 120 -40.85 29.23 40.27
CA ALA C 120 -40.30 28.64 39.01
C ALA C 120 -38.98 29.26 38.58
N GLY C 121 -38.25 28.51 37.75
CA GLY C 121 -36.93 28.93 37.23
C GLY C 121 -36.74 28.60 35.76
N PHE C 122 -36.18 29.59 35.05
CA PHE C 122 -35.95 29.53 33.61
C PHE C 122 -34.57 30.05 33.23
N VAL C 123 -33.78 29.26 32.52
CA VAL C 123 -32.62 29.83 31.86
C VAL C 123 -32.57 29.38 30.40
N TYR C 124 -32.45 30.37 29.53
CA TYR C 124 -32.67 30.16 28.10
C TYR C 124 -31.35 30.39 27.41
N ASP C 125 -30.75 29.28 26.94
CA ASP C 125 -29.53 29.28 26.11
C ASP C 125 -29.97 29.76 24.74
N VAL C 126 -29.95 31.09 24.59
CA VAL C 126 -30.53 31.76 23.44
C VAL C 126 -30.07 31.11 22.12
N MET C 127 -28.77 31.00 21.93
CA MET C 127 -28.29 30.59 20.63
C MET C 127 -28.45 29.12 20.39
N ALA C 128 -28.46 28.33 21.44
CA ALA C 128 -28.71 26.92 21.25
C ALA C 128 -30.23 26.63 21.09
N ASP C 129 -31.07 27.57 21.49
CA ASP C 129 -32.49 27.36 21.58
C ASP C 129 -32.79 26.17 22.51
N VAL C 130 -32.19 26.22 23.70
CA VAL C 130 -32.46 25.25 24.78
C VAL C 130 -32.94 26.00 26.03
N LEU C 131 -34.18 25.73 26.41
CA LEU C 131 -34.81 26.33 27.56
C LEU C 131 -34.75 25.27 28.67
N TYR C 132 -33.95 25.56 29.68
CA TYR C 132 -33.92 24.78 30.90
C TYR C 132 -34.96 25.37 31.82
N HIS C 133 -35.87 24.56 32.36
CA HIS C 133 -36.97 25.10 33.17
C HIS C 133 -37.38 24.17 34.26
N ALA C 134 -37.96 24.75 35.32
CA ALA C 134 -38.44 23.97 36.46
C ALA C 134 -39.47 24.75 37.25
N LYS C 135 -40.49 24.03 37.72
CA LYS C 135 -41.56 24.57 38.55
C LYS C 135 -41.41 23.87 39.86
N VAL C 136 -41.28 24.60 40.97
CA VAL C 136 -41.08 23.95 42.27
C VAL C 136 -42.06 22.79 42.53
N GLY C 137 -41.52 21.67 43.00
CA GLY C 137 -42.27 20.42 43.14
C GLY C 137 -42.54 19.57 41.91
N GLU C 138 -42.20 20.05 40.72
CA GLU C 138 -42.72 19.47 39.46
C GLU C 138 -41.64 18.97 38.48
N GLY C 139 -40.39 18.91 38.94
CA GLY C 139 -39.29 18.43 38.10
C GLY C 139 -38.62 19.54 37.32
N ALA C 140 -37.56 19.17 36.63
CA ALA C 140 -36.72 20.09 35.87
C ALA C 140 -36.56 19.51 34.50
N TYR C 141 -36.54 20.38 33.49
CA TYR C 141 -36.60 19.98 32.09
C TYR C 141 -35.50 20.65 31.27
N ARG C 142 -34.95 19.90 30.32
CA ARG C 142 -34.20 20.44 29.18
C ARG C 142 -35.15 20.29 27.98
N GLY C 143 -35.85 21.37 27.67
CA GLY C 143 -36.88 21.34 26.62
C GLY C 143 -38.06 20.55 27.14
N SER C 144 -38.40 19.47 26.46
CA SER C 144 -39.48 18.57 26.91
C SER C 144 -38.92 17.34 27.65
N GLN C 145 -37.60 17.21 27.72
CA GLN C 145 -36.95 16.10 28.40
C GLN C 145 -36.81 16.38 29.89
N PRO C 146 -37.26 15.47 30.78
CA PRO C 146 -37.01 15.65 32.21
C PRO C 146 -35.58 15.25 32.53
N LEU C 147 -34.96 15.94 33.49
CA LEU C 147 -33.57 15.68 33.89
C LEU C 147 -33.53 14.68 35.03
N LYS C 148 -32.63 13.71 35.01
CA LYS C 148 -32.56 12.70 36.09
C LYS C 148 -32.10 13.36 37.40
N PRO C 149 -32.55 12.84 38.56
CA PRO C 149 -31.95 13.36 39.81
C PRO C 149 -30.43 13.06 39.90
N LEU C 150 -29.71 13.84 40.69
CA LEU C 150 -28.25 13.75 40.74
C LEU C 150 -27.81 12.69 41.72
N ASN C 151 -26.68 12.09 41.43
CA ASN C 151 -26.05 11.17 42.35
C ASN C 151 -24.86 11.86 42.97
N ASP C 152 -24.44 11.33 44.11
CA ASP C 152 -23.29 11.80 44.84
C ASP C 152 -22.03 11.45 44.06
N SER C 153 -21.03 12.32 44.09
CA SER C 153 -19.73 11.99 43.49
C SER C 153 -18.71 12.36 44.50
N ASN C 154 -17.55 11.73 44.39
CA ASN C 154 -16.42 12.17 45.19
C ASN C 154 -15.69 13.29 44.43
N LEU C 155 -15.11 14.21 45.17
CA LEU C 155 -14.36 15.33 44.59
C LEU C 155 -13.27 14.93 43.59
N ARG C 156 -12.51 13.87 43.88
CA ARG C 156 -11.39 13.47 43.02
C ARG C 156 -11.86 12.86 41.73
N GLN C 157 -13.15 12.58 41.61
CA GLN C 157 -13.76 12.07 40.38
C GLN C 157 -14.83 13.02 39.83
N SER C 158 -14.77 14.28 40.30
CA SER C 158 -15.65 15.35 39.91
C SER C 158 -14.91 16.39 39.01
N ILE C 159 -15.61 16.85 37.98
CA ILE C 159 -15.26 18.04 37.22
C ILE C 159 -15.96 19.23 37.87
N ILE C 160 -15.22 20.28 38.20
CA ILE C 160 -15.79 21.45 38.88
C ILE C 160 -15.68 22.74 38.05
N GLY C 161 -16.71 23.58 38.14
CA GLY C 161 -16.74 24.90 37.54
C GLY C 161 -16.13 25.93 38.47
N ILE C 162 -14.95 26.44 38.11
CA ILE C 162 -14.33 27.58 38.78
C ILE C 162 -13.47 28.45 37.84
N ASN C 163 -13.68 29.75 37.85
CA ASN C 163 -12.92 30.58 36.90
C ASN C 163 -11.46 30.74 37.32
N PRO C 164 -10.52 30.64 36.35
CA PRO C 164 -9.12 30.84 36.71
C PRO C 164 -8.78 32.10 37.46
N ASN C 165 -9.49 33.20 37.19
CA ASN C 165 -9.23 34.45 37.93
C ASN C 165 -9.33 34.27 39.45
N TRP C 166 -10.24 33.43 39.90
CA TRP C 166 -10.36 33.20 41.35
C TRP C 166 -9.11 32.57 42.01
N LEU C 167 -8.29 31.84 41.25
CA LEU C 167 -7.04 31.33 41.77
C LEU C 167 -5.88 32.34 41.87
N THR C 168 -6.03 33.53 41.27
CA THR C 168 -4.96 34.55 41.30
C THR C 168 -5.17 35.59 42.39
N LYS C 169 -6.43 35.87 42.73
CA LYS C 169 -6.77 36.93 43.67
C LYS C 169 -6.14 36.68 45.05
N PRO C 170 -5.67 37.75 45.73
CA PRO C 170 -4.97 37.70 47.02
C PRO C 170 -5.25 36.49 47.91
N ILE C 171 -6.41 36.40 48.55
CA ILE C 171 -6.62 35.31 49.52
C ILE C 171 -7.55 34.17 49.02
N LEU C 172 -8.36 34.43 47.99
CA LEU C 172 -9.19 33.38 47.34
C LEU C 172 -8.35 32.28 46.71
N GLY C 173 -7.25 32.65 46.07
CA GLY C 173 -6.37 31.70 45.45
C GLY C 173 -6.04 30.52 46.32
N GLU C 174 -5.67 30.77 47.57
CA GLU C 174 -5.22 29.69 48.47
C GLU C 174 -6.38 28.80 48.99
N ILE C 175 -7.53 29.43 49.21
CA ILE C 175 -8.76 28.73 49.60
C ILE C 175 -9.19 27.73 48.52
N PHE C 176 -9.16 28.19 47.28
CA PHE C 176 -9.65 27.45 46.15
C PHE C 176 -8.63 26.51 45.53
N LYS C 177 -7.35 26.79 45.73
CA LYS C 177 -6.25 25.93 45.24
C LYS C 177 -6.31 24.51 45.74
N GLU C 178 -6.69 24.34 47.00
CA GLU C 178 -6.81 23.02 47.60
C GLU C 178 -7.87 22.21 46.86
N ILE C 179 -8.99 22.87 46.59
CA ILE C 179 -10.12 22.23 46.04
C ILE C 179 -9.87 21.93 44.55
N VAL C 180 -9.23 22.83 43.83
CA VAL C 180 -8.84 22.53 42.42
C VAL C 180 -7.86 21.35 42.31
N ASN C 181 -6.95 21.22 43.28
CA ASN C 181 -5.97 20.14 43.28
C ASN C 181 -6.55 18.80 43.54
N ASP C 182 -7.54 18.67 44.41
CA ASP C 182 -8.20 17.34 44.58
C ASP C 182 -9.13 17.00 43.45
N SER C 183 -9.92 17.98 42.99
CA SER C 183 -10.84 17.82 41.83
C SER C 183 -10.15 17.09 40.69
N ARG C 184 -10.88 16.21 40.02
CA ARG C 184 -10.37 15.57 38.82
C ARG C 184 -9.95 16.57 37.73
N SER C 185 -10.67 17.68 37.62
CA SER C 185 -10.42 18.74 36.64
C SER C 185 -11.37 19.92 36.91
N ALA C 186 -11.03 21.01 36.26
CA ALA C 186 -11.68 22.27 36.43
C ALA C 186 -12.13 22.81 35.05
N ARG C 187 -13.32 23.40 35.00
CA ARG C 187 -13.84 24.01 33.77
C ARG C 187 -14.33 25.37 34.06
N ALA C 188 -14.36 26.22 33.05
CA ALA C 188 -14.92 27.57 33.19
C ALA C 188 -15.54 28.01 31.90
N TYR C 189 -16.84 28.27 31.92
CA TYR C 189 -17.63 28.60 30.74
C TYR C 189 -18.08 30.07 30.66
N GLY C 190 -17.95 30.88 31.72
CA GLY C 190 -18.31 32.31 31.62
C GLY C 190 -19.79 32.69 31.61
N SER C 191 -20.65 31.82 32.12
CA SER C 191 -22.02 32.19 32.45
C SER C 191 -22.39 31.49 33.73
N ALA C 192 -22.68 32.26 34.78
CA ALA C 192 -23.11 31.68 36.06
C ALA C 192 -24.40 30.88 35.91
N ALA C 193 -25.37 31.44 35.17
CA ALA C 193 -26.65 30.71 34.97
C ALA C 193 -26.42 29.37 34.29
N LEU C 194 -25.64 29.37 33.21
CA LEU C 194 -25.37 28.14 32.47
C LEU C 194 -24.55 27.14 33.27
N GLU C 195 -23.68 27.63 34.14
CA GLU C 195 -22.84 26.77 34.96
C GLU C 195 -23.63 26.11 36.09
N ILE C 196 -24.58 26.81 36.67
CA ILE C 196 -25.41 26.23 37.70
C ILE C 196 -26.27 25.16 37.04
N VAL C 197 -26.80 25.49 35.84
CA VAL C 197 -27.53 24.53 35.00
C VAL C 197 -26.65 23.32 34.60
N SER C 198 -25.37 23.54 34.29
CA SER C 198 -24.44 22.41 34.10
C SER C 198 -24.32 21.47 35.30
N VAL C 199 -24.39 22.01 36.50
CA VAL C 199 -24.48 21.14 37.65
C VAL C 199 -25.82 20.42 37.63
N ALA C 200 -26.92 21.14 37.42
CA ALA C 200 -28.26 20.49 37.30
C ALA C 200 -28.33 19.28 36.32
N THR C 201 -27.67 19.39 35.15
CA THR C 201 -27.62 18.32 34.12
C THR C 201 -26.54 17.22 34.29
N GLY C 202 -25.68 17.29 35.31
CA GLY C 202 -24.52 16.37 35.40
C GLY C 202 -23.33 16.72 34.49
N ASN C 203 -23.38 17.84 33.79
CA ASN C 203 -22.24 18.31 32.94
C ASN C 203 -21.06 18.69 33.86
N LEU C 204 -21.39 19.37 34.93
CA LEU C 204 -20.42 19.64 36.00
C LEU C 204 -20.89 19.03 37.34
N GLU C 205 -19.95 18.57 38.16
CA GLU C 205 -20.32 18.04 39.46
C GLU C 205 -20.52 19.16 40.51
N ALA C 206 -19.76 20.24 40.39
CA ALA C 206 -19.90 21.37 41.28
C ALA C 206 -19.47 22.66 40.61
N TYR C 207 -19.83 23.79 41.22
CA TYR C 207 -19.52 25.08 40.68
C TYR C 207 -19.37 26.03 41.86
N MET C 208 -18.41 26.95 41.76
CA MET C 208 -18.20 27.92 42.84
C MET C 208 -17.63 29.26 42.38
N THR C 209 -17.92 30.31 43.14
CA THR C 209 -17.51 31.66 42.83
C THR C 209 -17.65 32.48 44.08
N PRO C 210 -16.77 33.47 44.29
CA PRO C 210 -16.87 34.31 45.51
C PRO C 210 -18.03 35.32 45.56
N ARG C 211 -18.60 35.68 44.42
CA ARG C 211 -19.67 36.68 44.39
C ARG C 211 -20.62 36.43 43.22
N LEU C 212 -21.90 36.59 43.50
CA LEU C 212 -22.96 36.48 42.55
C LEU C 212 -24.14 37.35 43.06
N GLN C 213 -24.89 37.93 42.13
CA GLN C 213 -26.11 38.65 42.50
C GLN C 213 -27.34 37.74 42.39
N PRO C 214 -28.47 38.12 43.02
CA PRO C 214 -29.65 37.27 42.97
C PRO C 214 -30.08 36.84 41.56
N TRP C 215 -29.91 37.71 40.57
CA TRP C 215 -30.29 37.42 39.18
C TRP C 215 -29.40 36.42 38.44
N ASP C 216 -28.16 36.26 38.89
CA ASP C 216 -27.28 35.20 38.37
C ASP C 216 -27.76 33.79 38.71
N PHE C 217 -28.32 33.61 39.91
CA PHE C 217 -28.69 32.26 40.40
C PHE C 217 -30.15 31.94 40.67
N ALA C 218 -31.03 32.94 40.79
CA ALA C 218 -32.44 32.70 41.17
C ALA C 218 -33.14 31.63 40.32
N GLY C 219 -33.02 31.78 39.00
CA GLY C 219 -33.54 30.80 38.04
C GLY C 219 -32.86 29.44 38.14
N GLY C 220 -31.54 29.45 38.16
CA GLY C 220 -30.76 28.20 38.17
C GLY C 220 -30.90 27.35 39.42
N LEU C 221 -31.05 27.99 40.58
CA LEU C 221 -31.38 27.27 41.82
C LEU C 221 -32.64 26.43 41.75
N VAL C 222 -33.70 26.99 41.16
CA VAL C 222 -35.01 26.32 41.13
C VAL C 222 -34.84 25.04 40.31
N ILE C 223 -34.08 25.13 39.23
CA ILE C 223 -33.70 23.97 38.41
C ILE C 223 -32.76 22.97 39.14
N LEU C 224 -31.75 23.50 39.83
CA LEU C 224 -30.86 22.64 40.63
C LEU C 224 -31.60 21.92 41.77
N TYR C 225 -32.48 22.60 42.49
CA TYR C 225 -33.13 22.01 43.67
C TYR C 225 -34.09 20.90 43.16
N GLU C 226 -34.72 21.10 41.99
CA GLU C 226 -35.53 20.06 41.39
C GLU C 226 -34.85 18.76 40.96
N VAL C 227 -33.51 18.72 40.90
CA VAL C 227 -32.79 17.47 40.58
C VAL C 227 -32.01 16.98 41.80
N ASN C 228 -32.38 17.53 42.94
CA ASN C 228 -31.81 17.19 44.23
C ASN C 228 -30.35 17.62 44.42
N GLY C 229 -29.94 18.69 43.72
CA GLY C 229 -28.64 19.27 43.91
C GLY C 229 -28.75 20.08 45.17
N GLN C 230 -27.73 20.87 45.44
CA GLN C 230 -27.74 21.72 46.63
C GLN C 230 -26.89 22.96 46.51
N ALA C 231 -27.40 24.04 47.04
CA ALA C 231 -26.77 25.34 46.93
C ALA C 231 -26.52 25.87 48.31
N SER C 232 -25.43 26.61 48.46
CA SER C 232 -25.14 27.29 49.68
C SER C 232 -24.14 28.36 49.34
N ASN C 233 -23.89 29.25 50.29
CA ASN C 233 -22.73 30.11 50.20
C ASN C 233 -21.50 29.31 50.60
N LEU C 234 -20.34 29.94 50.60
CA LEU C 234 -19.08 29.29 50.88
C LEU C 234 -18.94 29.02 52.38
N LEU C 235 -19.73 29.71 53.20
CA LEU C 235 -19.81 29.44 54.63
C LEU C 235 -20.93 28.47 54.92
N GLY C 236 -21.46 27.78 53.92
CA GLY C 236 -22.48 26.77 54.12
C GLY C 236 -23.86 27.30 54.43
N GLU C 237 -24.07 28.59 54.26
CA GLU C 237 -25.34 29.24 54.59
C GLU C 237 -26.24 29.23 53.38
N PRO C 238 -27.56 29.18 53.58
CA PRO C 238 -28.47 29.13 52.45
C PRO C 238 -28.50 30.42 51.65
N LEU C 239 -28.79 30.30 50.36
CA LEU C 239 -28.84 31.44 49.46
C LEU C 239 -30.19 32.06 49.54
N THR C 240 -30.20 33.37 49.44
CA THR C 240 -31.43 34.09 49.39
C THR C 240 -31.32 35.18 48.29
N ILE C 241 -32.46 35.47 47.68
CA ILE C 241 -32.59 36.58 46.74
C ILE C 241 -32.69 37.98 47.38
N SER C 242 -32.47 38.10 48.68
CA SER C 242 -32.40 39.42 49.36
C SER C 242 -31.08 40.17 49.11
N GLY C 243 -30.08 39.49 48.62
CA GLY C 243 -28.76 40.12 48.48
C GLY C 243 -27.77 39.24 47.75
N PRO C 244 -26.60 39.80 47.45
CA PRO C 244 -25.56 39.03 46.77
C PRO C 244 -24.98 37.98 47.69
N ASN C 245 -24.26 36.98 47.16
CA ASN C 245 -23.57 36.03 48.00
C ASN C 245 -22.44 35.29 47.28
N SER C 246 -21.63 34.61 48.08
CA SER C 246 -20.69 33.58 47.62
C SER C 246 -21.54 32.36 47.29
N ILE C 247 -20.95 31.39 46.60
CA ILE C 247 -21.69 30.29 45.97
C ILE C 247 -20.93 28.98 45.99
N LEU C 248 -21.59 27.91 46.41
CA LEU C 248 -21.15 26.55 46.18
C LEU C 248 -22.36 25.69 45.81
N VAL C 249 -22.37 25.16 44.58
CA VAL C 249 -23.47 24.31 44.14
C VAL C 249 -22.81 23.02 43.70
N GLY C 250 -23.50 21.94 43.97
CA GLY C 250 -22.98 20.61 43.64
C GLY C 250 -24.03 19.54 43.91
N ASN C 251 -23.78 18.32 43.48
CA ASN C 251 -24.52 17.20 44.08
C ASN C 251 -24.20 17.19 45.58
N ARG C 252 -25.05 16.56 46.40
CA ARG C 252 -24.92 16.60 47.87
C ARG C 252 -23.61 16.07 48.42
N GLY C 253 -23.15 14.94 47.91
CA GLY C 253 -21.84 14.38 48.32
C GLY C 253 -20.65 15.33 48.11
N LEU C 254 -20.37 15.69 46.84
CA LEU C 254 -19.35 16.75 46.47
C LEU C 254 -19.55 18.04 47.27
N HIS C 255 -20.81 18.49 47.43
CA HIS C 255 -21.06 19.72 48.20
C HIS C 255 -20.46 19.58 49.63
N GLN C 256 -20.82 18.47 50.30
CA GLN C 256 -20.39 18.17 51.67
C GLN C 256 -18.90 18.04 51.77
N GLU C 257 -18.32 17.40 50.77
CA GLU C 257 -16.89 17.15 50.79
C GLU C 257 -16.07 18.46 50.63
N ILE C 258 -16.46 19.28 49.67
CA ILE C 258 -15.79 20.53 49.39
C ILE C 258 -15.92 21.44 50.59
N SER C 259 -17.16 21.68 51.06
CA SER C 259 -17.49 22.52 52.24
C SER C 259 -16.80 21.97 53.49
N ASN C 260 -17.10 20.71 53.81
CA ASN C 260 -16.62 20.03 55.01
C ASN C 260 -15.09 19.84 55.17
N ASP C 261 -14.38 19.47 54.10
CA ASP C 261 -12.92 19.21 54.19
C ASP C 261 -12.03 20.33 53.70
N TYR C 262 -12.40 20.95 52.59
CA TYR C 262 -11.46 21.86 51.93
C TYR C 262 -11.68 23.32 52.20
N LEU C 263 -12.92 23.75 52.31
CA LEU C 263 -13.23 25.11 52.69
C LEU C 263 -13.10 25.29 54.24
N GLU C 264 -13.46 24.27 55.00
CA GLU C 264 -13.49 24.31 56.46
C GLU C 264 -12.25 24.89 57.17
N PRO C 265 -11.03 24.35 56.91
CA PRO C 265 -9.82 25.01 57.44
C PRO C 265 -9.45 26.37 56.84
N HIS C 266 -10.40 27.10 56.27
CA HIS C 266 -10.23 28.50 55.88
C HIS C 266 -11.43 29.37 56.31
N HIS C 267 -12.27 28.88 57.25
CA HIS C 267 -13.51 29.58 57.67
C HIS C 267 -13.24 31.04 58.00
N ASP C 268 -12.20 31.33 58.77
CA ASP C 268 -11.98 32.72 59.24
C ASP C 268 -11.59 33.65 58.12
N ALA C 269 -10.67 33.18 57.27
CA ALA C 269 -10.25 33.97 56.11
C ALA C 269 -11.45 34.29 55.22
N LEU C 270 -12.39 33.34 55.11
CA LEU C 270 -13.62 33.51 54.33
C LEU C 270 -14.63 34.39 55.06
N ILE C 271 -14.70 34.24 56.39
CA ILE C 271 -15.55 35.11 57.21
C ILE C 271 -15.13 36.55 57.04
N GLN C 272 -13.82 36.78 57.02
CA GLN C 272 -13.28 38.13 56.81
C GLN C 272 -13.66 38.62 55.41
N LEU C 273 -13.37 37.82 54.38
CA LEU C 273 -13.76 38.24 53.03
C LEU C 273 -15.23 38.52 52.95
N HIS C 274 -16.04 37.71 53.63
CA HIS C 274 -17.48 37.91 53.62
C HIS C 274 -17.89 39.24 54.30
N GLU C 275 -17.35 39.53 55.49
CA GLU C 275 -17.68 40.82 56.13
C GLU C 275 -17.12 42.05 55.37
N GLN C 276 -15.93 41.90 54.74
CA GLN C 276 -15.37 42.94 53.87
C GLN C 276 -16.28 43.13 52.66
N ARG C 277 -16.29 42.13 51.78
CA ARG C 277 -16.91 42.18 50.45
C ARG C 277 -18.44 42.38 50.48
N PHE C 278 -19.11 41.86 51.50
CA PHE C 278 -20.57 42.01 51.68
C PHE C 278 -20.86 42.86 52.92
N MET D 9 43.33 -47.31 -20.33
CA MET D 9 43.11 -45.83 -20.03
C MET D 9 44.00 -44.90 -20.87
N ALA D 10 45.20 -45.33 -21.28
CA ALA D 10 46.12 -44.41 -21.94
C ALA D 10 45.46 -43.63 -23.06
N LEU D 11 44.84 -44.36 -24.00
CA LEU D 11 44.16 -43.75 -25.16
C LEU D 11 42.99 -42.85 -24.77
N TYR D 12 42.14 -43.36 -23.91
CA TYR D 12 41.05 -42.59 -23.35
C TYR D 12 41.55 -41.23 -22.81
N GLY D 13 42.63 -41.28 -22.04
CA GLY D 13 43.24 -40.10 -21.45
C GLY D 13 43.74 -39.15 -22.49
N PHE D 14 44.43 -39.69 -23.50
CA PHE D 14 44.86 -38.91 -24.61
C PHE D 14 43.66 -38.18 -25.23
N ALA D 15 42.58 -38.91 -25.47
CA ALA D 15 41.42 -38.35 -26.16
C ALA D 15 40.75 -37.23 -25.33
N GLN D 16 40.61 -37.47 -24.03
CA GLN D 16 40.01 -36.48 -23.14
C GLN D 16 40.79 -35.17 -23.14
N GLY D 17 42.10 -35.27 -22.96
CA GLY D 17 43.00 -34.10 -23.07
C GLY D 17 42.91 -33.38 -24.39
N LEU D 18 42.93 -34.15 -25.48
CA LEU D 18 42.94 -33.58 -26.84
C LEU D 18 41.61 -32.79 -27.16
N ILE D 19 40.47 -33.39 -26.88
CA ILE D 19 39.21 -32.66 -27.10
C ILE D 19 39.06 -31.40 -26.20
N GLN D 20 39.53 -31.45 -24.94
CA GLN D 20 39.46 -30.25 -24.08
C GLN D 20 40.36 -29.16 -24.61
N GLU D 21 41.51 -29.56 -25.09
CA GLU D 21 42.49 -28.62 -25.65
C GLU D 21 41.99 -28.06 -27.00
N ALA D 22 41.31 -28.87 -27.79
CA ALA D 22 40.65 -28.37 -29.01
C ALA D 22 39.60 -27.28 -28.73
N GLY D 23 38.80 -27.45 -27.67
CA GLY D 23 37.80 -26.46 -27.34
C GLY D 23 38.38 -25.14 -26.93
N ILE D 24 39.44 -25.19 -26.12
CA ILE D 24 40.21 -24.02 -25.75
C ILE D 24 40.64 -23.29 -27.00
N ARG D 25 41.12 -24.03 -27.99
CA ARG D 25 41.68 -23.38 -29.17
C ARG D 25 40.55 -22.74 -29.94
N ILE D 26 39.42 -23.44 -30.10
CA ILE D 26 38.24 -22.86 -30.71
C ILE D 26 37.95 -21.47 -30.12
N LYS D 27 37.94 -21.37 -28.79
CA LYS D 27 37.56 -20.09 -28.17
C LYS D 27 38.59 -19.00 -28.47
N GLN D 28 39.88 -19.32 -28.33
CA GLN D 28 40.96 -18.37 -28.66
C GLN D 28 40.73 -17.74 -30.03
N LEU D 29 40.31 -18.56 -31.00
CA LEU D 29 39.95 -18.12 -32.36
C LEU D 29 38.63 -17.28 -32.43
N MET D 30 37.71 -17.49 -31.49
CA MET D 30 36.51 -16.63 -31.37
C MET D 30 36.87 -15.30 -30.71
N GLU D 31 37.48 -15.35 -29.52
CA GLU D 31 37.98 -14.16 -28.82
C GLU D 31 38.81 -13.22 -29.74
N GLN D 32 39.56 -13.78 -30.68
CA GLN D 32 40.30 -13.01 -31.70
C GLN D 32 39.73 -13.25 -33.11
N ASN D 33 38.65 -12.54 -33.47
CA ASN D 33 38.17 -12.47 -34.86
C ASN D 33 37.05 -11.44 -35.00
N LEU D 45 34.63 -16.73 -40.44
CA LEU D 45 35.17 -17.11 -39.13
C LEU D 45 34.92 -18.60 -38.78
N VAL D 46 33.73 -19.11 -39.08
CA VAL D 46 33.41 -20.54 -38.86
C VAL D 46 34.23 -21.48 -39.74
N THR D 47 34.51 -21.05 -40.97
CA THR D 47 35.10 -21.94 -42.00
C THR D 47 36.51 -22.33 -41.59
N ASN D 48 37.30 -21.31 -41.29
CA ASN D 48 38.66 -21.54 -40.89
C ASN D 48 38.75 -22.13 -39.45
N VAL D 49 37.94 -21.66 -38.50
CA VAL D 49 37.86 -22.26 -37.11
C VAL D 49 37.58 -23.75 -37.13
N ASP D 50 36.72 -24.14 -38.05
CA ASP D 50 36.46 -25.51 -38.34
C ASP D 50 37.69 -26.22 -38.89
N LYS D 51 38.41 -25.53 -39.77
CA LYS D 51 39.63 -26.09 -40.40
C LYS D 51 40.72 -26.24 -39.33
N ALA D 52 40.91 -25.17 -38.56
CA ALA D 52 41.83 -25.16 -37.41
C ALA D 52 41.65 -26.39 -36.51
N THR D 53 40.39 -26.69 -36.18
CA THR D 53 40.07 -27.70 -35.17
C THR D 53 40.27 -29.11 -35.74
N GLU D 54 39.85 -29.30 -36.99
CA GLU D 54 40.11 -30.56 -37.78
C GLU D 54 41.63 -30.87 -37.88
N ASP D 55 42.40 -29.89 -38.36
CA ASP D 55 43.85 -30.02 -38.50
C ASP D 55 44.39 -30.43 -37.18
N PHE D 56 44.12 -29.60 -36.18
CA PHE D 56 44.68 -29.81 -34.84
C PHE D 56 44.42 -31.24 -34.34
N ILE D 57 43.18 -31.69 -34.45
CA ILE D 57 42.81 -32.99 -33.89
C ILE D 57 43.39 -34.15 -34.70
N PHE D 58 43.29 -34.05 -36.02
CA PHE D 58 43.73 -35.12 -36.93
C PHE D 58 45.23 -35.22 -36.83
N ASP D 59 45.92 -34.10 -37.07
CA ASP D 59 47.38 -34.06 -36.91
C ASP D 59 47.84 -34.65 -35.59
N THR D 60 47.31 -34.15 -34.47
CA THR D 60 47.74 -34.70 -33.17
C THR D 60 47.46 -36.21 -32.92
N ILE D 61 46.37 -36.73 -33.44
CA ILE D 61 46.12 -38.20 -33.38
C ILE D 61 47.18 -38.96 -34.21
N LEU D 62 47.47 -38.45 -35.41
CA LEU D 62 48.27 -39.18 -36.41
C LEU D 62 49.77 -39.18 -36.07
N GLU D 63 50.26 -38.12 -35.41
CA GLU D 63 51.60 -38.08 -34.82
C GLU D 63 51.82 -39.14 -33.75
N THR D 64 50.84 -39.30 -32.89
CA THR D 64 50.98 -40.12 -31.69
C THR D 64 50.55 -41.56 -31.98
N TYR D 65 49.46 -41.75 -32.71
CA TYR D 65 49.08 -43.08 -33.17
C TYR D 65 48.96 -43.11 -34.71
N PRO D 66 50.10 -43.29 -35.41
CA PRO D 66 50.04 -43.30 -36.90
C PRO D 66 49.41 -44.57 -37.53
N ASN D 67 49.32 -45.66 -36.80
CA ASN D 67 48.55 -46.83 -37.26
C ASN D 67 47.01 -46.60 -37.22
N HIS D 68 46.54 -45.50 -36.63
CA HIS D 68 45.11 -45.32 -36.39
C HIS D 68 44.44 -44.62 -37.53
N GLN D 69 43.18 -44.98 -37.79
CA GLN D 69 42.40 -44.27 -38.82
C GLN D 69 41.55 -43.18 -38.19
N VAL D 70 41.38 -42.10 -38.95
CA VAL D 70 40.58 -40.96 -38.54
C VAL D 70 39.52 -40.72 -39.59
N LEU D 71 38.27 -40.89 -39.23
CA LEU D 71 37.16 -40.69 -40.11
C LEU D 71 36.43 -39.40 -39.68
N GLY D 72 36.23 -38.53 -40.66
CA GLY D 72 35.72 -37.18 -40.45
C GLY D 72 35.24 -36.64 -41.78
N GLU D 73 34.71 -35.43 -41.78
CA GLU D 73 34.00 -34.89 -42.97
C GLU D 73 34.84 -34.76 -44.25
N GLU D 74 35.98 -34.05 -44.18
CA GLU D 74 36.94 -33.98 -45.31
C GLU D 74 37.75 -35.28 -45.43
N ILE D 80 37.18 -46.68 -46.29
CA ILE D 80 38.04 -47.24 -45.23
C ILE D 80 37.27 -48.32 -44.43
N ASP D 81 37.95 -49.37 -44.01
CA ASP D 81 37.27 -50.48 -43.31
C ASP D 81 37.29 -50.24 -41.78
N THR D 82 36.15 -49.79 -41.29
CA THR D 82 35.97 -49.46 -39.88
C THR D 82 35.90 -50.65 -38.94
N SER D 83 35.95 -51.87 -39.44
CA SER D 83 36.09 -53.05 -38.55
C SER D 83 37.54 -53.36 -38.18
N LYS D 84 38.49 -52.66 -38.79
CA LYS D 84 39.91 -53.00 -38.66
C LYS D 84 40.66 -51.93 -37.85
N GLY D 85 41.28 -52.38 -36.77
CA GLY D 85 42.12 -51.53 -35.95
C GLY D 85 41.32 -50.48 -35.17
N THR D 86 42.02 -49.42 -34.78
CA THR D 86 41.45 -48.35 -34.01
C THR D 86 41.06 -47.24 -34.97
N VAL D 87 39.81 -46.80 -34.83
CA VAL D 87 39.19 -45.78 -35.68
C VAL D 87 38.62 -44.62 -34.82
N TRP D 88 39.05 -43.38 -35.15
CA TRP D 88 38.55 -42.19 -34.51
C TRP D 88 37.53 -41.61 -35.43
N VAL D 89 36.32 -41.33 -34.95
CA VAL D 89 35.22 -40.77 -35.76
C VAL D 89 34.91 -39.37 -35.21
N VAL D 90 35.28 -38.34 -35.97
CA VAL D 90 35.43 -36.98 -35.49
C VAL D 90 34.57 -35.99 -36.25
N ASP D 91 33.77 -35.24 -35.49
CA ASP D 91 33.13 -34.02 -35.97
C ASP D 91 33.79 -32.84 -35.21
N PRO D 92 34.68 -32.09 -35.87
CA PRO D 92 35.37 -31.03 -35.15
C PRO D 92 34.42 -29.95 -34.62
N ILE D 93 33.40 -29.62 -35.41
CA ILE D 93 32.34 -28.77 -34.92
C ILE D 93 31.01 -29.27 -35.45
N ASP D 94 30.20 -29.81 -34.55
CA ASP D 94 28.85 -30.19 -34.84
C ASP D 94 27.98 -29.05 -34.40
N GLY D 95 27.06 -28.63 -35.25
CA GLY D 95 26.26 -27.46 -34.95
C GLY D 95 26.90 -26.21 -35.49
N THR D 96 27.38 -26.27 -36.72
CA THR D 96 28.03 -25.10 -37.28
C THR D 96 27.06 -23.98 -37.48
N LEU D 97 25.80 -24.28 -37.80
CA LEU D 97 24.84 -23.18 -37.93
C LEU D 97 24.65 -22.47 -36.59
N ASN D 98 24.67 -23.19 -35.47
CA ASN D 98 24.62 -22.54 -34.17
C ASN D 98 25.89 -21.76 -33.83
N PHE D 99 27.03 -22.28 -34.24
CA PHE D 99 28.30 -21.55 -34.15
C PHE D 99 28.18 -20.15 -34.74
N VAL D 100 27.72 -20.08 -35.99
CA VAL D 100 27.61 -18.83 -36.75
C VAL D 100 26.55 -17.92 -36.13
N HIS D 101 25.36 -18.45 -35.89
CA HIS D 101 24.22 -17.66 -35.47
C HIS D 101 24.07 -17.38 -33.98
N GLN D 102 24.53 -18.27 -33.12
CA GLN D 102 24.36 -18.13 -31.68
C GLN D 102 25.70 -18.05 -30.94
N GLN D 103 26.81 -18.44 -31.57
CA GLN D 103 28.11 -18.54 -30.89
C GLN D 103 28.05 -19.48 -29.68
N GLU D 104 27.18 -20.48 -29.74
CA GLU D 104 27.01 -21.46 -28.67
C GLU D 104 26.16 -22.63 -29.16
N ASN D 105 25.99 -23.63 -28.32
CA ASN D 105 25.21 -24.85 -28.65
C ASN D 105 25.81 -25.65 -29.81
N PHE D 106 27.14 -25.70 -29.86
CA PHE D 106 27.86 -26.50 -30.85
C PHE D 106 28.84 -27.36 -30.07
N ALA D 107 29.21 -28.50 -30.63
CA ALA D 107 30.03 -29.46 -29.89
C ALA D 107 31.16 -29.99 -30.74
N ILE D 108 32.22 -30.47 -30.07
CA ILE D 108 33.23 -31.31 -30.70
C ILE D 108 32.81 -32.71 -30.35
N SER D 109 32.80 -33.62 -31.34
CA SER D 109 32.40 -35.04 -31.16
C SER D 109 33.45 -36.06 -31.64
N ILE D 110 33.81 -36.98 -30.75
CA ILE D 110 34.82 -37.98 -31.03
C ILE D 110 34.34 -39.34 -30.56
N GLY D 111 34.10 -40.23 -31.53
CA GLY D 111 33.95 -41.65 -31.23
C GLY D 111 35.26 -42.39 -31.50
N ILE D 112 35.70 -43.23 -30.56
CA ILE D 112 36.77 -44.19 -30.83
C ILE D 112 36.27 -45.64 -30.86
N TYR D 113 36.63 -46.36 -31.95
CA TYR D 113 36.34 -47.77 -32.11
C TYR D 113 37.63 -48.60 -32.25
N ILE D 114 37.62 -49.79 -31.65
CA ILE D 114 38.74 -50.74 -31.71
C ILE D 114 38.20 -52.07 -32.24
N ASP D 115 38.64 -52.45 -33.44
CA ASP D 115 38.24 -53.73 -34.09
C ASP D 115 36.73 -53.81 -34.33
N GLY D 116 36.16 -52.74 -34.91
CA GLY D 116 34.73 -52.65 -35.10
C GLY D 116 33.83 -52.47 -33.87
N LYS D 117 34.43 -52.33 -32.69
CA LYS D 117 33.71 -52.24 -31.40
C LYS D 117 33.81 -50.82 -30.80
N PRO D 118 32.70 -50.29 -30.22
CA PRO D 118 32.82 -49.02 -29.48
C PRO D 118 33.84 -49.12 -28.36
N TYR D 119 34.76 -48.16 -28.29
CA TYR D 119 35.65 -48.03 -27.14
C TYR D 119 35.28 -46.78 -26.27
N ALA D 120 35.16 -45.61 -26.90
CA ALA D 120 34.97 -44.38 -26.16
C ALA D 120 34.23 -43.29 -26.93
N GLY D 121 33.57 -42.40 -26.19
CA GLY D 121 32.80 -41.31 -26.75
C GLY D 121 32.97 -40.05 -25.94
N PHE D 122 33.01 -38.93 -26.66
CA PHE D 122 33.22 -37.59 -26.10
C PHE D 122 32.33 -36.64 -26.89
N VAL D 123 31.53 -35.84 -26.16
CA VAL D 123 30.83 -34.71 -26.79
C VAL D 123 31.12 -33.51 -25.94
N TYR D 124 31.85 -32.53 -26.48
CA TYR D 124 32.28 -31.38 -25.69
C TYR D 124 31.46 -30.18 -26.12
N ASP D 125 30.54 -29.78 -25.25
CA ASP D 125 29.80 -28.54 -25.39
C ASP D 125 30.72 -27.39 -25.02
N VAL D 126 31.39 -26.86 -26.04
CA VAL D 126 32.53 -25.98 -25.83
C VAL D 126 32.19 -24.73 -25.00
N MET D 127 31.08 -24.07 -25.31
CA MET D 127 30.76 -22.77 -24.71
C MET D 127 30.12 -22.91 -23.35
N ALA D 128 29.29 -23.96 -23.22
CA ALA D 128 28.75 -24.36 -21.94
C ALA D 128 29.78 -24.91 -20.97
N ASP D 129 30.97 -25.29 -21.45
CA ASP D 129 32.02 -25.85 -20.62
C ASP D 129 31.75 -27.24 -19.97
N VAL D 130 31.15 -28.15 -20.74
CA VAL D 130 30.73 -29.44 -20.23
C VAL D 130 31.20 -30.54 -21.21
N LEU D 131 32.01 -31.46 -20.71
CA LEU D 131 32.47 -32.61 -21.46
C LEU D 131 31.67 -33.78 -21.03
N TYR D 132 30.90 -34.34 -21.96
CA TYR D 132 30.18 -35.58 -21.75
C TYR D 132 31.10 -36.68 -22.29
N HIS D 133 31.30 -37.73 -21.53
CA HIS D 133 32.25 -38.78 -21.94
C HIS D 133 31.98 -40.13 -21.31
N ALA D 134 32.54 -41.15 -21.92
CA ALA D 134 32.37 -42.51 -21.43
C ALA D 134 33.34 -43.44 -22.11
N LYS D 135 33.77 -44.40 -21.33
CA LYS D 135 34.45 -45.55 -21.79
C LYS D 135 33.44 -46.67 -21.67
N VAL D 136 33.30 -47.47 -22.73
CA VAL D 136 32.38 -48.62 -22.75
C VAL D 136 32.60 -49.57 -21.57
N GLY D 137 31.49 -50.10 -21.04
CA GLY D 137 31.51 -50.91 -19.83
C GLY D 137 31.76 -50.17 -18.51
N GLU D 138 32.03 -48.87 -18.56
CA GLU D 138 32.59 -48.15 -17.40
C GLU D 138 31.74 -46.96 -16.92
N GLY D 139 30.59 -46.71 -17.57
CA GLY D 139 29.69 -45.59 -17.20
C GLY D 139 29.93 -44.32 -17.99
N ALA D 140 28.94 -43.43 -17.96
CA ALA D 140 29.04 -42.11 -18.63
C ALA D 140 29.12 -40.97 -17.64
N TYR D 141 29.80 -39.89 -18.03
CA TYR D 141 30.04 -38.72 -17.16
C TYR D 141 29.70 -37.37 -17.81
N ARG D 142 29.46 -36.41 -16.93
CA ARG D 142 29.38 -34.99 -17.24
C ARG D 142 30.46 -34.42 -16.36
N GLY D 143 31.57 -33.97 -16.95
CA GLY D 143 32.77 -33.64 -16.18
C GLY D 143 33.19 -34.86 -15.40
N SER D 144 33.36 -34.72 -14.08
CA SER D 144 33.67 -35.88 -13.24
C SER D 144 32.44 -36.56 -12.63
N GLN D 145 31.23 -36.09 -12.91
CA GLN D 145 30.00 -36.66 -12.26
C GLN D 145 29.33 -37.79 -13.05
N PRO D 146 29.09 -38.94 -12.43
CA PRO D 146 28.36 -40.02 -13.15
C PRO D 146 26.96 -39.63 -13.57
N LEU D 147 26.54 -40.06 -14.77
CA LEU D 147 25.16 -39.92 -15.25
C LEU D 147 24.25 -41.06 -14.77
N LYS D 148 23.00 -40.72 -14.54
CA LYS D 148 21.98 -41.66 -14.05
C LYS D 148 21.53 -42.57 -15.18
N PRO D 149 21.29 -43.87 -14.91
CA PRO D 149 20.63 -44.72 -15.92
C PRO D 149 19.25 -44.22 -16.28
N LEU D 150 18.86 -44.38 -17.54
CA LEU D 150 17.56 -43.92 -18.03
C LEU D 150 16.47 -44.84 -17.58
N ASN D 151 15.27 -44.28 -17.39
CA ASN D 151 14.04 -45.00 -17.17
C ASN D 151 13.15 -44.92 -18.39
N ASP D 152 12.26 -45.89 -18.50
CA ASP D 152 11.30 -45.95 -19.58
C ASP D 152 10.34 -44.79 -19.50
N SER D 153 9.79 -44.40 -20.65
CA SER D 153 8.70 -43.46 -20.70
C SER D 153 7.71 -43.87 -21.78
N ASN D 154 6.50 -43.38 -21.68
CA ASN D 154 5.54 -43.48 -22.76
C ASN D 154 5.62 -42.24 -23.65
N LEU D 155 5.58 -42.46 -24.96
CA LEU D 155 5.55 -41.37 -25.91
C LEU D 155 4.66 -40.22 -25.51
N ARG D 156 3.43 -40.51 -25.10
CA ARG D 156 2.46 -39.44 -24.77
C ARG D 156 2.89 -38.57 -23.57
N GLN D 157 3.83 -39.06 -22.73
CA GLN D 157 4.50 -38.23 -21.68
C GLN D 157 5.96 -37.98 -22.03
N SER D 158 6.27 -37.81 -23.32
CA SER D 158 7.66 -37.68 -23.76
C SER D 158 7.86 -36.42 -24.58
N ILE D 159 9.00 -35.77 -24.36
CA ILE D 159 9.44 -34.63 -25.13
C ILE D 159 10.43 -35.22 -26.16
N ILE D 160 10.17 -34.99 -27.44
CA ILE D 160 11.00 -35.55 -28.52
C ILE D 160 11.79 -34.49 -29.32
N GLY D 161 12.97 -34.91 -29.75
CA GLY D 161 13.81 -34.10 -30.58
C GLY D 161 13.52 -34.47 -32.00
N ILE D 162 12.87 -33.54 -32.72
CA ILE D 162 12.72 -33.67 -34.17
C ILE D 162 12.68 -32.29 -34.86
N ASN D 163 13.50 -32.13 -35.90
CA ASN D 163 13.56 -30.86 -36.56
C ASN D 163 12.31 -30.62 -37.44
N PRO D 164 11.77 -29.39 -37.42
CA PRO D 164 10.66 -29.05 -38.28
C PRO D 164 10.92 -29.33 -39.74
N ASN D 165 12.16 -29.23 -40.22
CA ASN D 165 12.45 -29.53 -41.63
C ASN D 165 11.99 -30.91 -42.08
N TRP D 166 12.00 -31.88 -41.19
CA TRP D 166 11.59 -33.22 -41.57
C TRP D 166 10.09 -33.34 -41.69
N LEU D 167 9.35 -32.46 -41.04
CA LEU D 167 7.89 -32.48 -41.17
C LEU D 167 7.34 -32.07 -42.56
N THR D 168 8.16 -31.37 -43.35
CA THR D 168 7.74 -30.73 -44.59
C THR D 168 8.01 -31.61 -45.82
N LYS D 169 8.86 -32.61 -45.64
CA LYS D 169 9.29 -33.50 -46.72
C LYS D 169 8.15 -34.44 -47.09
N PRO D 170 7.96 -34.70 -48.42
CA PRO D 170 6.87 -35.51 -48.99
C PRO D 170 6.37 -36.74 -48.18
N ILE D 171 7.14 -37.84 -48.10
CA ILE D 171 6.60 -39.04 -47.42
C ILE D 171 7.03 -39.13 -45.92
N LEU D 172 8.23 -38.63 -45.64
CA LEU D 172 8.69 -38.37 -44.27
C LEU D 172 7.67 -37.65 -43.37
N GLY D 173 7.17 -36.52 -43.88
CA GLY D 173 6.20 -35.69 -43.16
C GLY D 173 5.08 -36.49 -42.56
N GLU D 174 4.41 -37.29 -43.40
CA GLU D 174 3.25 -38.03 -42.98
C GLU D 174 3.63 -39.16 -41.99
N ILE D 175 4.79 -39.81 -42.17
CA ILE D 175 5.27 -40.78 -41.20
C ILE D 175 5.55 -40.07 -39.88
N PHE D 176 6.19 -38.90 -39.92
CA PHE D 176 6.54 -38.24 -38.67
C PHE D 176 5.40 -37.49 -38.01
N LYS D 177 4.40 -37.03 -38.77
CA LYS D 177 3.23 -36.33 -38.21
C LYS D 177 2.61 -37.04 -37.03
N GLU D 178 2.44 -38.36 -37.14
CA GLU D 178 1.63 -39.10 -36.14
C GLU D 178 2.40 -39.14 -34.80
N ILE D 179 3.71 -39.35 -34.91
CA ILE D 179 4.61 -39.38 -33.75
C ILE D 179 4.70 -38.03 -33.00
N VAL D 180 4.75 -36.95 -33.77
CA VAL D 180 4.73 -35.58 -33.23
C VAL D 180 3.40 -35.29 -32.55
N ASN D 181 2.30 -35.72 -33.16
CA ASN D 181 0.96 -35.52 -32.58
C ASN D 181 0.79 -36.26 -31.27
N ASP D 182 1.27 -37.50 -31.16
CA ASP D 182 1.12 -38.22 -29.86
C ASP D 182 2.08 -37.81 -28.77
N SER D 183 3.29 -37.35 -29.11
CA SER D 183 4.26 -36.92 -28.11
C SER D 183 3.75 -35.71 -27.32
N ARG D 184 4.15 -35.61 -26.07
CA ARG D 184 3.81 -34.50 -25.22
C ARG D 184 4.26 -33.12 -25.82
N SER D 185 5.47 -33.05 -26.33
CA SER D 185 5.90 -31.89 -27.10
C SER D 185 7.13 -32.30 -27.84
N ALA D 186 7.58 -31.42 -28.72
CA ALA D 186 8.79 -31.65 -29.50
C ALA D 186 9.71 -30.46 -29.36
N ARG D 187 10.98 -30.71 -29.66
CA ARG D 187 12.05 -29.75 -29.51
C ARG D 187 13.09 -29.90 -30.64
N ALA D 188 13.86 -28.85 -30.90
CA ALA D 188 14.91 -28.93 -31.90
C ALA D 188 15.98 -27.93 -31.55
N TYR D 189 17.17 -28.48 -31.30
CA TYR D 189 18.27 -27.72 -30.79
C TYR D 189 19.36 -27.45 -31.83
N GLY D 190 19.35 -28.19 -32.95
CA GLY D 190 20.31 -27.98 -34.04
C GLY D 190 21.71 -28.59 -33.91
N SER D 191 21.86 -29.63 -33.10
CA SER D 191 23.16 -30.36 -32.98
C SER D 191 22.86 -31.78 -32.62
N ALA D 192 22.98 -32.67 -33.58
CA ALA D 192 22.73 -34.10 -33.37
C ALA D 192 23.51 -34.63 -32.18
N ALA D 193 24.80 -34.28 -32.10
CA ALA D 193 25.64 -34.80 -30.99
C ALA D 193 25.08 -34.37 -29.60
N LEU D 194 24.72 -33.08 -29.49
CA LEU D 194 24.10 -32.58 -28.25
C LEU D 194 22.68 -33.13 -28.02
N GLU D 195 21.91 -33.38 -29.06
CA GLU D 195 20.57 -33.95 -28.89
C GLU D 195 20.60 -35.43 -28.50
N ILE D 196 21.59 -36.16 -28.98
CA ILE D 196 21.78 -37.51 -28.48
C ILE D 196 22.19 -37.45 -26.99
N VAL D 197 23.12 -36.56 -26.66
CA VAL D 197 23.52 -36.36 -25.25
C VAL D 197 22.32 -35.97 -24.38
N SER D 198 21.47 -35.06 -24.89
CA SER D 198 20.23 -34.68 -24.21
C SER D 198 19.40 -35.89 -23.88
N VAL D 199 19.30 -36.82 -24.82
CA VAL D 199 18.69 -38.11 -24.47
C VAL D 199 19.48 -38.86 -23.39
N ALA D 200 20.80 -38.94 -23.53
CA ALA D 200 21.62 -39.57 -22.48
C ALA D 200 21.41 -38.97 -21.08
N THR D 201 21.23 -37.64 -20.98
CA THR D 201 21.05 -36.91 -19.72
C THR D 201 19.60 -36.73 -19.16
N GLY D 202 18.57 -37.24 -19.83
CA GLY D 202 17.20 -37.08 -19.37
C GLY D 202 16.45 -35.86 -19.88
N ASN D 203 17.09 -34.99 -20.67
CA ASN D 203 16.41 -33.76 -21.16
C ASN D 203 15.43 -34.02 -22.31
N LEU D 204 15.75 -34.94 -23.21
CA LEU D 204 14.81 -35.39 -24.20
C LEU D 204 14.60 -36.87 -23.89
N GLU D 205 13.40 -37.38 -24.13
CA GLU D 205 13.14 -38.82 -23.96
C GLU D 205 13.46 -39.55 -25.25
N ALA D 206 13.47 -38.85 -26.39
CA ALA D 206 13.81 -39.47 -27.65
C ALA D 206 14.30 -38.44 -28.64
N TYR D 207 15.05 -38.85 -29.66
CA TYR D 207 15.51 -37.98 -30.74
C TYR D 207 15.53 -38.78 -32.03
N MET D 208 15.19 -38.12 -33.15
CA MET D 208 15.11 -38.81 -34.42
C MET D 208 15.34 -37.88 -35.58
N THR D 209 15.96 -38.42 -36.63
CA THR D 209 16.24 -37.71 -37.86
C THR D 209 16.41 -38.76 -38.97
N PRO D 210 16.09 -38.39 -40.22
CA PRO D 210 16.27 -39.29 -41.40
C PRO D 210 17.69 -39.46 -41.91
N ARG D 211 18.56 -38.50 -41.69
CA ARG D 211 19.94 -38.72 -42.12
C ARG D 211 20.92 -38.15 -41.12
N LEU D 212 22.04 -38.85 -40.98
CA LEU D 212 23.12 -38.47 -40.09
C LEU D 212 24.31 -39.25 -40.56
N GLN D 213 25.49 -38.63 -40.46
CA GLN D 213 26.79 -39.22 -40.78
C GLN D 213 27.46 -39.84 -39.53
N PRO D 214 28.41 -40.76 -39.72
CA PRO D 214 28.98 -41.44 -38.56
C PRO D 214 29.55 -40.52 -37.47
N TRP D 215 30.16 -39.42 -37.88
CA TRP D 215 30.78 -38.47 -36.95
C TRP D 215 29.79 -37.71 -36.08
N ASP D 216 28.51 -37.63 -36.48
CA ASP D 216 27.48 -36.91 -35.74
C ASP D 216 27.03 -37.67 -34.53
N PHE D 217 27.01 -39.01 -34.65
CA PHE D 217 26.46 -39.84 -33.61
C PHE D 217 27.45 -40.72 -32.85
N ALA D 218 28.65 -40.97 -33.38
CA ALA D 218 29.59 -41.92 -32.73
C ALA D 218 29.90 -41.63 -31.26
N GLY D 219 30.27 -40.38 -30.94
CA GLY D 219 30.53 -39.98 -29.57
C GLY D 219 29.33 -40.22 -28.68
N GLY D 220 28.17 -39.75 -29.15
CA GLY D 220 26.96 -39.70 -28.36
C GLY D 220 26.43 -41.06 -28.03
N LEU D 221 26.63 -42.00 -28.96
CA LEU D 221 26.09 -43.33 -28.84
C LEU D 221 26.74 -44.10 -27.69
N VAL D 222 28.05 -43.90 -27.55
CA VAL D 222 28.77 -44.55 -26.46
C VAL D 222 28.19 -44.07 -25.11
N ILE D 223 28.03 -42.74 -24.99
CA ILE D 223 27.45 -42.13 -23.80
C ILE D 223 26.03 -42.67 -23.57
N LEU D 224 25.22 -42.62 -24.62
CA LEU D 224 23.85 -43.13 -24.56
C LEU D 224 23.80 -44.57 -24.09
N TYR D 225 24.62 -45.42 -24.68
CA TYR D 225 24.57 -46.86 -24.37
C TYR D 225 24.93 -47.12 -22.90
N GLU D 226 25.83 -46.29 -22.30
CA GLU D 226 26.18 -46.44 -20.89
C GLU D 226 25.09 -46.02 -19.92
N VAL D 227 24.09 -45.24 -20.34
CA VAL D 227 22.96 -44.95 -19.43
C VAL D 227 21.78 -45.83 -19.74
N ASN D 228 22.03 -46.91 -20.49
CA ASN D 228 21.02 -47.91 -20.78
C ASN D 228 20.04 -47.40 -21.84
N GLY D 229 20.42 -46.35 -22.56
CA GLY D 229 19.75 -45.97 -23.76
C GLY D 229 19.80 -47.03 -24.85
N GLN D 230 19.25 -46.64 -25.99
CA GLN D 230 18.85 -47.55 -26.99
C GLN D 230 18.79 -46.80 -28.32
N ALA D 231 19.64 -47.19 -29.26
CA ALA D 231 19.70 -46.60 -30.61
C ALA D 231 19.44 -47.63 -31.74
N SER D 232 18.79 -47.20 -32.81
CA SER D 232 18.70 -47.92 -34.10
C SER D 232 18.59 -46.87 -35.23
N ASN D 233 18.60 -47.32 -36.50
CA ASN D 233 18.08 -46.47 -37.63
C ASN D 233 16.56 -46.55 -37.61
N LEU D 234 15.89 -45.82 -38.48
CA LEU D 234 14.43 -45.77 -38.44
C LEU D 234 13.71 -47.08 -38.86
N LEU D 235 14.46 -48.06 -39.39
CA LEU D 235 14.00 -49.40 -39.69
C LEU D 235 14.30 -50.39 -38.54
N GLY D 236 14.91 -49.92 -37.46
CA GLY D 236 15.23 -50.78 -36.34
C GLY D 236 16.54 -51.53 -36.50
N GLU D 237 17.28 -51.26 -37.57
CA GLU D 237 18.57 -51.90 -37.80
C GLU D 237 19.60 -51.25 -36.84
N PRO D 238 20.64 -52.00 -36.47
CA PRO D 238 21.57 -51.44 -35.51
C PRO D 238 22.43 -50.35 -36.16
N LEU D 239 22.94 -49.38 -35.43
CA LEU D 239 23.77 -48.32 -36.06
C LEU D 239 25.23 -48.69 -36.10
N THR D 240 25.89 -48.47 -37.23
CA THR D 240 27.34 -48.75 -37.32
C THR D 240 28.03 -47.51 -37.82
N ILE D 241 29.35 -47.51 -37.80
CA ILE D 241 30.12 -46.40 -38.34
C ILE D 241 30.52 -46.55 -39.81
N SER D 242 29.90 -47.47 -40.51
CA SER D 242 30.35 -47.80 -41.86
C SER D 242 29.69 -46.88 -42.87
N GLY D 243 28.70 -46.10 -42.45
CA GLY D 243 28.08 -45.17 -43.35
C GLY D 243 26.96 -44.39 -42.71
N PRO D 244 26.39 -43.46 -43.47
CA PRO D 244 25.30 -42.66 -42.96
C PRO D 244 24.06 -43.51 -42.72
N ASN D 245 23.12 -42.97 -41.95
CA ASN D 245 21.89 -43.67 -41.62
C ASN D 245 20.91 -42.71 -41.01
N SER D 246 19.71 -43.20 -40.80
CA SER D 246 18.69 -42.49 -40.12
C SER D 246 18.88 -42.86 -38.69
N ILE D 247 18.14 -42.19 -37.80
CA ILE D 247 18.39 -42.31 -36.35
C ILE D 247 17.15 -42.28 -35.52
N LEU D 248 17.00 -43.27 -34.63
CA LEU D 248 16.02 -43.25 -33.53
C LEU D 248 16.72 -43.63 -32.24
N VAL D 249 16.77 -42.69 -31.28
CA VAL D 249 17.40 -42.93 -29.99
C VAL D 249 16.44 -42.55 -28.90
N GLY D 250 16.47 -43.33 -27.84
CA GLY D 250 15.59 -43.10 -26.69
C GLY D 250 15.88 -44.04 -25.57
N ASN D 251 15.21 -43.85 -24.44
CA ASN D 251 15.08 -44.88 -23.40
C ASN D 251 14.39 -46.04 -24.05
N ARG D 252 14.61 -47.22 -23.50
CA ARG D 252 14.26 -48.52 -24.18
C ARG D 252 12.76 -48.61 -24.53
N GLY D 253 11.92 -48.26 -23.57
CA GLY D 253 10.48 -48.33 -23.68
C GLY D 253 9.98 -47.54 -24.85
N LEU D 254 10.18 -46.24 -24.79
CA LEU D 254 9.64 -45.41 -25.83
C LEU D 254 10.34 -45.54 -27.22
N HIS D 255 11.57 -46.06 -27.24
CA HIS D 255 12.20 -46.59 -28.47
C HIS D 255 11.31 -47.71 -29.04
N GLN D 256 11.05 -48.78 -28.27
CA GLN D 256 10.16 -49.94 -28.69
C GLN D 256 8.84 -49.41 -29.26
N GLU D 257 8.26 -48.45 -28.53
CA GLU D 257 6.97 -47.89 -28.84
C GLU D 257 6.97 -47.09 -30.15
N ILE D 258 7.97 -46.25 -30.35
CA ILE D 258 8.05 -45.40 -31.55
C ILE D 258 8.25 -46.34 -32.75
N SER D 259 9.12 -47.34 -32.59
CA SER D 259 9.52 -48.20 -33.72
C SER D 259 8.35 -49.12 -34.11
N ASN D 260 7.77 -49.82 -33.13
CA ASN D 260 6.71 -50.79 -33.40
C ASN D 260 5.33 -50.19 -33.65
N ASP D 261 4.86 -49.24 -32.82
CA ASP D 261 3.54 -48.63 -33.08
C ASP D 261 3.59 -47.60 -34.23
N TYR D 262 4.66 -46.83 -34.38
CA TYR D 262 4.60 -45.66 -35.34
C TYR D 262 5.49 -45.80 -36.60
N LEU D 263 6.62 -46.48 -36.50
CA LEU D 263 7.51 -46.67 -37.66
C LEU D 263 7.32 -48.00 -38.45
N GLU D 264 6.98 -49.09 -37.74
CA GLU D 264 6.76 -50.42 -38.32
C GLU D 264 5.72 -50.41 -39.46
N PRO D 265 4.53 -49.86 -39.19
CA PRO D 265 3.51 -49.70 -40.20
C PRO D 265 3.89 -48.94 -41.46
N HIS D 266 5.05 -48.28 -41.51
CA HIS D 266 5.49 -47.68 -42.75
C HIS D 266 6.86 -48.19 -43.16
N HIS D 267 7.17 -49.44 -42.78
CA HIS D 267 8.46 -50.06 -43.10
C HIS D 267 8.77 -49.88 -44.58
N ASP D 268 7.84 -50.32 -45.43
CA ASP D 268 8.11 -50.41 -46.88
C ASP D 268 8.36 -49.03 -47.46
N ALA D 269 7.56 -48.06 -47.03
CA ALA D 269 7.79 -46.64 -47.35
C ALA D 269 9.16 -46.11 -46.82
N LEU D 270 9.45 -46.40 -45.55
CA LEU D 270 10.77 -46.07 -44.99
C LEU D 270 11.95 -46.74 -45.71
N ILE D 271 11.76 -47.99 -46.17
CA ILE D 271 12.82 -48.69 -46.92
C ILE D 271 13.05 -48.00 -48.26
N GLN D 272 11.95 -47.64 -48.95
CA GLN D 272 12.12 -47.02 -50.27
C GLN D 272 13.01 -45.80 -50.11
N LEU D 273 12.63 -44.91 -49.19
CA LEU D 273 13.47 -43.78 -48.79
C LEU D 273 14.89 -44.16 -48.45
N HIS D 274 15.09 -45.06 -47.50
CA HIS D 274 16.46 -45.49 -47.18
C HIS D 274 17.26 -45.88 -48.42
N GLU D 275 16.63 -46.62 -49.33
CA GLU D 275 17.34 -47.03 -50.56
C GLU D 275 17.52 -45.85 -51.51
N GLN D 276 16.50 -44.99 -51.58
CA GLN D 276 16.53 -43.76 -52.38
C GLN D 276 17.54 -42.74 -51.90
N ARG D 277 17.85 -42.75 -50.59
CA ARG D 277 18.75 -41.81 -49.94
C ARG D 277 20.19 -42.37 -49.83
N PHE D 278 20.35 -43.68 -49.58
CA PHE D 278 21.66 -44.29 -49.22
C PHE D 278 22.03 -45.47 -50.15
CA CA E . 3.19 -19.69 -20.66
CA CA F . 2.66 -20.86 -16.95
C1 IPD G . 3.57 -22.44 -22.99
C2 IPD G . 5.00 -22.20 -23.43
C3 IPD G . 5.21 -23.06 -24.71
C4 IPD G . 4.30 -22.61 -25.85
C5 IPD G . 2.82 -22.68 -25.44
C6 IPD G . 2.57 -21.93 -24.07
P1 IPD G . 3.27 -22.68 -20.29
O1 IPD G . 3.27 -21.85 -21.73
O2 IPD G . 5.22 -20.78 -23.70
O3 IPD G . 6.55 -23.05 -25.17
O4 IPD G . 4.43 -23.51 -26.91
O5 IPD G . 2.09 -22.07 -26.52
O6 IPD G . 1.27 -22.19 -23.63
O7 IPD G . 2.12 -23.62 -20.09
O8 IPD G . 4.69 -23.48 -20.22
O9 IPD G . 3.34 -21.47 -19.18
CA CA H . -5.23 14.68 23.99
CA CA I . -6.91 10.92 23.91
C1 IPD J . -5.78 15.97 27.26
C2 IPD J . -6.79 17.08 26.78
C3 IPD J . -6.83 18.18 27.88
C4 IPD J . -5.44 18.77 28.03
C5 IPD J . -4.46 17.69 28.41
C6 IPD J . -4.40 16.61 27.37
P1 IPD J . -6.69 13.59 26.48
O1 IPD J . -5.66 14.82 26.37
O2 IPD J . -6.34 17.63 25.50
O3 IPD J . -7.78 19.23 27.57
O4 IPD J . -5.47 19.66 29.05
O5 IPD J . -3.24 18.30 28.46
O6 IPD J . -3.53 15.60 27.77
O7 IPD J . -6.72 12.86 25.07
O8 IPD J . -8.03 14.07 27.03
O9 IPD J . -6.09 12.47 27.51
CA CA K . -25.12 37.93 35.24
CA CA L . -26.39 40.65 32.65
C1 IPD M . -21.50 37.57 34.92
C2 IPD M . -21.42 36.14 34.40
C3 IPD M . -19.99 35.68 34.69
C4 IPD M . -19.80 35.56 36.24
C5 IPD M . -19.91 36.95 36.89
C6 IPD M . -21.20 37.69 36.45
P1 IPD M . -23.01 39.15 33.44
O1 IPD M . -22.76 38.18 34.75
O2 IPD M . -22.35 35.27 35.10
O3 IPD M . -19.64 34.45 34.04
O4 IPD M . -18.57 35.02 36.53
O5 IPD M . -20.01 36.81 38.32
O6 IPD M . -21.04 39.12 36.80
O7 IPD M . -22.55 38.21 32.22
O8 IPD M . -22.30 40.50 33.48
O9 IPD M . -24.63 39.32 33.40
CA CA N . 27.81 -32.64 -37.85
CA CA O . 30.75 -30.42 -38.70
P PO4 P . 27.14 -29.75 -38.87
O1 PO4 P . 27.32 -29.22 -40.26
O2 PO4 P . 26.14 -30.91 -38.81
O3 PO4 P . 26.67 -28.63 -37.96
O4 PO4 P . 28.51 -30.27 -38.46
#